data_4ELL
#
_entry.id   4ELL
#
_cell.length_a   249.659
_cell.length_b   249.659
_cell.length_c   35.110
_cell.angle_alpha   90.00
_cell.angle_beta   90.00
_cell.angle_gamma   120.00
#
_symmetry.space_group_name_H-M   'H 3'
#
loop_
_entity.id
_entity.type
_entity.pdbx_description
1 polymer 'Retinoblastoma-associated protein'
2 water water
#
_entity_poly.entity_id   1
_entity_poly.type   'polypeptide(L)'
_entity_poly.pdbx_seq_one_letter_code
;GEFNTIQQLMMILNSASDQPSENLISYFNNCTVNPKESILKRVKDIGYIFKEKFAKAVGQGCVEIGSQRYKLGVRLYYRV
MESMLKSEEERLSIQNFSKLLNDNIFHMSLLACALEVVMATYSRSTSQNLDSGTDLSFPWILNVLNLKAFDFYKVIESFI
KAEGNLTREMIKHLERCEHRIMESFAWLSDSPLFDLIKQSKDREGPTDHLESACPLNLPLQNNHTAADMYLEPVRAPKKK
GSTTRVNSTANAETQATSAFQTQKPLKSTSLSLFYKKVYRLAYLRLNTLCERLLSEHPELEHIIWTLFQHTLQNEYELMR
DRHLDQIMMCSMYGICKVKNIDLKFKIIVTAYKDLPHAVQETFKRVLIKEEEYDSIIVFYNSVFMQRLKTNILQYASTRP
PTLAPIPHIPR
;
_entity_poly.pdbx_strand_id   A,B
#
# COMPACT_ATOMS: atom_id res chain seq x y z
N GLN A 7 -23.82 -14.82 36.27
CA GLN A 7 -24.16 -14.99 37.68
C GLN A 7 -23.00 -15.59 38.46
N GLN A 8 -22.30 -16.54 37.85
CA GLN A 8 -21.19 -17.23 38.52
C GLN A 8 -20.15 -16.27 39.10
N LEU A 9 -19.82 -15.20 38.38
CA LEU A 9 -18.80 -14.25 38.84
C LEU A 9 -19.24 -13.44 40.07
N MET A 10 -20.42 -12.84 39.99
CA MET A 10 -20.95 -12.02 41.09
C MET A 10 -21.13 -12.85 42.36
N MET A 11 -21.55 -14.09 42.17
CA MET A 11 -21.71 -15.04 43.26
C MET A 11 -20.38 -15.27 43.96
N ILE A 12 -19.31 -15.39 43.18
CA ILE A 12 -17.96 -15.52 43.73
C ILE A 12 -17.57 -14.26 44.50
N LEU A 13 -17.82 -13.09 43.91
CA LEU A 13 -17.47 -11.82 44.56
C LEU A 13 -18.19 -11.61 45.91
N ASN A 14 -19.46 -12.02 46.00
CA ASN A 14 -20.19 -11.89 47.26
C ASN A 14 -19.59 -12.73 48.39
N SER A 15 -18.93 -13.83 48.03
CA SER A 15 -18.26 -14.69 49.00
C SER A 15 -16.75 -14.44 49.07
N ALA A 16 -16.23 -13.67 48.13
CA ALA A 16 -14.78 -13.50 48.00
C ALA A 16 -14.18 -12.67 49.12
N SER A 17 -12.87 -12.80 49.29
CA SER A 17 -12.14 -12.05 50.31
C SER A 17 -11.99 -10.59 49.92
N ASP A 18 -12.01 -9.71 50.92
CA ASP A 18 -11.72 -8.29 50.71
C ASP A 18 -10.21 -8.04 50.64
N GLN A 19 -9.43 -9.09 50.81
CA GLN A 19 -7.97 -8.97 50.86
C GLN A 19 -7.27 -9.80 49.79
N PRO A 20 -6.01 -9.46 49.48
CA PRO A 20 -5.16 -10.29 48.61
C PRO A 20 -4.95 -11.66 49.21
N SER A 21 -5.13 -12.71 48.40
CA SER A 21 -4.88 -14.07 48.85
C SER A 21 -3.40 -14.28 49.14
N GLU A 22 -3.06 -15.38 49.81
CA GLU A 22 -1.66 -15.66 50.12
C GLU A 22 -0.84 -15.89 48.87
N ASN A 23 -1.48 -16.44 47.84
CA ASN A 23 -0.80 -16.69 46.58
C ASN A 23 -0.52 -15.39 45.84
N LEU A 24 -1.38 -14.39 46.07
CA LEU A 24 -1.15 -13.09 45.48
C LEU A 24 -0.10 -12.34 46.32
N ILE A 25 -0.08 -12.62 47.62
CA ILE A 25 0.94 -12.06 48.49
C ILE A 25 2.28 -12.69 48.16
N SER A 26 2.25 -13.99 47.86
CA SER A 26 3.44 -14.70 47.41
C SER A 26 4.05 -14.01 46.19
N TYR A 27 3.22 -13.60 45.24
CA TYR A 27 3.69 -12.79 44.10
C TYR A 27 4.28 -11.46 44.56
N PHE A 28 3.67 -10.85 45.56
CA PHE A 28 4.16 -9.57 46.09
C PHE A 28 5.56 -9.76 46.68
N ASN A 29 5.76 -10.90 47.34
CA ASN A 29 7.03 -11.17 48.00
C ASN A 29 8.17 -11.36 47.01
N ASN A 30 7.87 -11.94 45.85
CA ASN A 30 8.85 -12.11 44.78
C ASN A 30 9.34 -10.80 44.17
N CYS A 31 8.74 -9.68 44.57
CA CYS A 31 9.17 -8.38 44.05
C CYS A 31 10.37 -7.83 44.79
N THR A 32 11.31 -7.26 44.04
CA THR A 32 12.49 -6.61 44.60
C THR A 32 12.03 -5.50 45.53
N VAL A 33 11.08 -4.70 45.05
CA VAL A 33 10.44 -3.69 45.87
C VAL A 33 9.03 -4.19 46.21
N ASN A 34 8.81 -4.57 47.46
CA ASN A 34 7.51 -5.09 47.90
C ASN A 34 6.41 -4.04 47.77
N PRO A 35 5.49 -4.27 46.82
CA PRO A 35 4.47 -3.29 46.41
C PRO A 35 3.24 -3.32 47.33
N LYS A 36 3.15 -4.34 48.18
CA LYS A 36 1.93 -4.62 48.95
C LYS A 36 1.41 -3.41 49.72
N GLU A 37 2.30 -2.76 50.48
CA GLU A 37 1.89 -1.65 51.32
C GLU A 37 1.29 -0.54 50.47
N SER A 38 1.90 -0.27 49.31
CA SER A 38 1.39 0.77 48.42
C SER A 38 0.10 0.32 47.71
N ILE A 39 -0.06 -0.99 47.52
CA ILE A 39 -1.27 -1.51 46.87
C ILE A 39 -2.48 -1.37 47.81
N LEU A 40 -2.27 -1.66 49.09
CA LEU A 40 -3.34 -1.59 50.09
C LEU A 40 -3.78 -0.14 50.32
N LYS A 41 -2.80 0.73 50.48
CA LYS A 41 -3.08 2.14 50.69
C LYS A 41 -3.75 2.76 49.48
N ARG A 42 -3.40 2.30 48.28
CA ARG A 42 -4.00 2.86 47.09
C ARG A 42 -5.49 2.54 47.09
N VAL A 43 -5.84 1.34 47.51
CA VAL A 43 -7.23 0.90 47.53
C VAL A 43 -8.05 1.66 48.57
N LYS A 44 -7.51 1.74 49.80
CA LYS A 44 -8.15 2.48 50.87
C LYS A 44 -8.42 3.94 50.44
N ASP A 45 -7.39 4.63 49.97
CA ASP A 45 -7.53 6.04 49.54
C ASP A 45 -8.47 6.23 48.35
N ILE A 46 -8.52 5.26 47.44
CA ILE A 46 -9.42 5.33 46.30
C ILE A 46 -10.86 5.06 46.75
N GLY A 47 -11.02 4.18 47.73
CA GLY A 47 -12.32 3.95 48.35
C GLY A 47 -12.98 5.25 48.80
N TYR A 48 -12.20 6.10 49.47
CA TYR A 48 -12.71 7.34 50.01
C TYR A 48 -13.21 8.27 48.90
N ILE A 49 -12.44 8.38 47.82
CA ILE A 49 -12.78 9.26 46.72
C ILE A 49 -13.98 8.71 45.93
N PHE A 50 -14.01 7.40 45.79
CA PHE A 50 -15.06 6.71 45.03
C PHE A 50 -16.41 6.89 45.70
N LYS A 51 -16.46 6.65 47.01
CA LYS A 51 -17.72 6.74 47.74
C LYS A 51 -18.27 8.16 47.73
N GLU A 52 -17.41 9.14 47.95
CA GLU A 52 -17.83 10.54 47.90
C GLU A 52 -18.39 10.92 46.54
N LYS A 53 -17.63 10.62 45.50
CA LYS A 53 -18.03 10.98 44.14
C LYS A 53 -19.29 10.23 43.75
N PHE A 54 -19.49 9.08 44.35
CA PHE A 54 -20.69 8.30 44.08
C PHE A 54 -21.90 9.02 44.69
N ALA A 55 -21.78 9.39 45.97
CA ALA A 55 -22.82 10.12 46.67
C ALA A 55 -23.15 11.42 45.95
N LYS A 56 -22.10 12.15 45.56
CA LYS A 56 -22.29 13.41 44.82
C LYS A 56 -23.05 13.18 43.53
N ALA A 57 -22.94 11.97 42.98
CA ALA A 57 -23.60 11.63 41.72
C ALA A 57 -25.06 11.26 41.93
N VAL A 58 -25.31 10.25 42.75
CA VAL A 58 -26.67 9.73 42.93
C VAL A 58 -27.53 10.59 43.85
N GLY A 59 -26.89 11.47 44.62
CA GLY A 59 -27.60 12.21 45.64
C GLY A 59 -27.74 11.38 46.91
N GLN A 60 -28.58 11.85 47.83
CA GLN A 60 -28.70 11.25 49.16
C GLN A 60 -29.39 9.88 49.15
N GLY A 61 -29.17 9.10 50.20
CA GLY A 61 -29.81 7.81 50.35
C GLY A 61 -28.83 6.68 50.64
N GLU A 64 -24.22 3.55 51.34
CA GLU A 64 -24.13 2.11 51.61
C GLU A 64 -24.04 1.29 50.33
N ILE A 65 -24.90 1.61 49.36
CA ILE A 65 -24.82 1.03 48.02
C ILE A 65 -23.46 1.39 47.41
N GLY A 66 -23.08 2.65 47.57
CA GLY A 66 -21.78 3.15 47.13
C GLY A 66 -20.61 2.35 47.70
N SER A 67 -20.69 2.02 48.98
CA SER A 67 -19.62 1.26 49.65
C SER A 67 -19.53 -0.18 49.17
N GLN A 68 -20.68 -0.75 48.83
CA GLN A 68 -20.74 -2.14 48.38
C GLN A 68 -20.27 -2.31 46.95
N ARG A 69 -20.54 -1.30 46.13
CA ARG A 69 -20.03 -1.29 44.77
C ARG A 69 -18.50 -1.35 44.82
N TYR A 70 -17.90 -0.47 45.60
CA TYR A 70 -16.45 -0.43 45.72
C TYR A 70 -15.90 -1.75 46.27
N LYS A 71 -16.57 -2.27 47.29
CA LYS A 71 -16.13 -3.51 47.91
C LYS A 71 -16.09 -4.67 46.90
N LEU A 72 -17.11 -4.76 46.05
CA LEU A 72 -17.17 -5.84 45.07
C LEU A 72 -16.10 -5.65 43.98
N GLY A 73 -15.88 -4.40 43.61
CA GLY A 73 -14.87 -4.07 42.60
C GLY A 73 -13.48 -4.40 43.11
N VAL A 74 -13.24 -4.13 44.38
CA VAL A 74 -11.95 -4.44 44.97
C VAL A 74 -11.73 -5.94 44.98
N ARG A 75 -12.79 -6.69 45.30
CA ARG A 75 -12.69 -8.15 45.33
C ARG A 75 -12.34 -8.72 43.96
N LEU A 76 -12.92 -8.14 42.92
CA LEU A 76 -12.67 -8.58 41.55
C LEU A 76 -11.29 -8.14 41.09
N TYR A 77 -10.88 -6.95 41.52
CA TYR A 77 -9.55 -6.41 41.27
C TYR A 77 -8.47 -7.37 41.73
N TYR A 78 -8.59 -7.87 42.96
CA TYR A 78 -7.61 -8.81 43.50
C TYR A 78 -7.67 -10.16 42.81
N ARG A 79 -8.88 -10.57 42.42
CA ARG A 79 -9.05 -11.83 41.69
C ARG A 79 -8.36 -11.79 40.32
N VAL A 80 -8.67 -10.78 39.53
CA VAL A 80 -8.09 -10.68 38.19
C VAL A 80 -6.58 -10.38 38.25
N MET A 81 -6.15 -9.62 39.25
CA MET A 81 -4.72 -9.36 39.42
C MET A 81 -3.96 -10.67 39.56
N GLU A 82 -4.41 -11.50 40.49
CA GLU A 82 -3.77 -12.79 40.73
C GLU A 82 -3.75 -13.65 39.46
N SER A 83 -4.86 -13.63 38.73
CA SER A 83 -4.96 -14.41 37.49
C SER A 83 -3.98 -13.86 36.43
N MET A 84 -3.94 -12.54 36.29
CA MET A 84 -3.07 -11.90 35.30
C MET A 84 -1.58 -12.09 35.61
N LEU A 85 -1.22 -11.99 36.89
CA LEU A 85 0.18 -12.10 37.31
C LEU A 85 0.74 -13.52 37.22
N LYS A 86 -0.12 -14.51 37.02
CA LYS A 86 0.34 -15.88 36.84
C LYS A 86 1.04 -16.01 35.48
N SER A 87 0.44 -15.44 34.44
CA SER A 87 1.06 -15.43 33.12
C SER A 87 2.29 -14.52 33.08
N GLU A 88 2.14 -13.32 33.62
CA GLU A 88 3.24 -12.36 33.60
C GLU A 88 4.48 -12.81 34.37
N GLU A 89 4.32 -13.71 35.35
CA GLU A 89 5.48 -14.22 36.10
C GLU A 89 6.44 -15.01 35.19
N GLU A 90 5.88 -15.68 34.19
CA GLU A 90 6.67 -16.41 33.20
C GLU A 90 7.31 -15.45 32.20
N ARG A 91 6.58 -14.38 31.86
CA ARG A 91 6.96 -13.52 30.76
C ARG A 91 7.98 -12.44 31.11
N LEU A 92 7.99 -12.00 32.37
CA LEU A 92 8.78 -10.83 32.70
C LEU A 92 10.03 -11.15 33.53
N SER A 93 11.08 -10.36 33.34
CA SER A 93 12.24 -10.44 34.21
C SER A 93 11.82 -10.09 35.64
N ILE A 94 12.60 -10.54 36.62
CA ILE A 94 12.34 -10.21 38.01
C ILE A 94 12.18 -8.68 38.21
N GLN A 95 13.04 -7.92 37.55
CA GLN A 95 13.03 -6.46 37.61
C GLN A 95 11.75 -5.86 37.05
N ASN A 96 11.33 -6.29 35.88
CA ASN A 96 10.10 -5.76 35.29
C ASN A 96 8.84 -6.17 36.03
N PHE A 97 8.83 -7.37 36.57
CA PHE A 97 7.70 -7.85 37.35
C PHE A 97 7.50 -6.97 38.58
N SER A 98 8.60 -6.59 39.22
CA SER A 98 8.56 -5.67 40.34
C SER A 98 8.09 -4.28 39.89
N LYS A 99 8.55 -3.87 38.71
CA LYS A 99 8.20 -2.56 38.18
C LYS A 99 6.70 -2.49 37.86
N LEU A 100 6.15 -3.59 37.34
CA LEU A 100 4.73 -3.64 37.05
C LEU A 100 3.91 -3.46 38.33
N LEU A 101 4.29 -4.18 39.37
CA LEU A 101 3.52 -4.20 40.62
C LEU A 101 3.57 -2.85 41.33
N ASN A 102 4.60 -2.06 41.06
CA ASN A 102 4.70 -0.74 41.68
C ASN A 102 4.23 0.35 40.74
N ASP A 103 3.62 -0.06 39.63
CA ASP A 103 3.14 0.92 38.66
C ASP A 103 1.72 1.39 38.99
N ASN A 104 1.61 2.66 39.38
CA ASN A 104 0.32 3.22 39.78
C ASN A 104 -0.74 3.16 38.69
N ILE A 105 -0.34 3.47 37.46
CA ILE A 105 -1.30 3.54 36.38
C ILE A 105 -1.83 2.15 36.01
N PHE A 106 -0.95 1.16 36.08
CA PHE A 106 -1.38 -0.24 35.93
C PHE A 106 -2.48 -0.55 36.95
N HIS A 107 -2.17 -0.35 38.22
CA HIS A 107 -3.15 -0.65 39.29
C HIS A 107 -4.47 0.11 39.18
N MET A 108 -4.40 1.41 38.92
CA MET A 108 -5.61 2.20 38.76
C MET A 108 -6.46 1.73 37.58
N SER A 109 -5.78 1.29 36.51
CA SER A 109 -6.49 0.82 35.33
C SER A 109 -7.15 -0.52 35.62
N LEU A 110 -6.43 -1.39 36.31
CA LEU A 110 -6.96 -2.70 36.67
C LEU A 110 -8.16 -2.50 37.60
N LEU A 111 -8.00 -1.65 38.60
CA LEU A 111 -9.09 -1.36 39.52
C LEU A 111 -10.29 -0.70 38.81
N ALA A 112 -10.03 0.28 37.94
CA ALA A 112 -11.12 0.93 37.21
C ALA A 112 -11.93 -0.06 36.39
N CYS A 113 -11.24 -1.03 35.82
CA CYS A 113 -11.89 -1.98 34.95
C CYS A 113 -12.74 -2.96 35.78
N ALA A 114 -12.23 -3.36 36.94
CA ALA A 114 -13.02 -4.16 37.86
C ALA A 114 -14.27 -3.42 38.34
N LEU A 115 -14.12 -2.14 38.69
CA LEU A 115 -15.25 -1.32 39.13
C LEU A 115 -16.26 -1.14 38.01
N GLU A 116 -15.76 -1.01 36.78
CA GLU A 116 -16.66 -0.85 35.64
C GLU A 116 -17.54 -2.09 35.43
N VAL A 117 -16.97 -3.26 35.67
CA VAL A 117 -17.72 -4.50 35.53
C VAL A 117 -18.84 -4.56 36.56
N VAL A 118 -18.50 -4.21 37.80
CA VAL A 118 -19.49 -4.21 38.88
C VAL A 118 -20.59 -3.15 38.66
N MET A 119 -20.20 -1.91 38.32
CA MET A 119 -21.16 -0.85 37.98
C MET A 119 -22.12 -1.28 36.87
N ALA A 120 -21.57 -1.83 35.79
CA ALA A 120 -22.37 -2.11 34.62
C ALA A 120 -23.30 -3.29 34.90
N THR A 121 -22.87 -4.19 35.78
CA THR A 121 -23.64 -5.37 36.10
C THR A 121 -24.89 -4.96 36.87
N TYR A 122 -24.66 -4.19 37.94
CA TYR A 122 -25.74 -3.75 38.80
C TYR A 122 -26.18 -2.35 38.41
N SER A 123 -26.34 -2.13 37.10
CA SER A 123 -26.88 -0.87 36.60
C SER A 123 -28.38 -0.78 36.88
N LEU A 136 -23.95 6.93 34.83
CA LEU A 136 -22.94 6.46 35.79
C LEU A 136 -22.03 5.39 35.20
N SER A 137 -22.40 4.86 34.04
CA SER A 137 -21.54 3.87 33.41
C SER A 137 -20.44 4.61 32.66
N PHE A 138 -19.60 3.85 31.97
CA PHE A 138 -18.50 4.41 31.19
C PHE A 138 -18.92 5.68 30.44
N PRO A 139 -18.10 6.75 30.53
CA PRO A 139 -16.77 6.85 31.13
C PRO A 139 -16.75 7.50 32.51
N TRP A 140 -17.81 7.33 33.27
CA TRP A 140 -17.89 7.95 34.59
C TRP A 140 -16.70 7.56 35.50
N ILE A 141 -16.32 6.28 35.49
CA ILE A 141 -15.24 5.79 36.34
C ILE A 141 -13.88 6.45 36.06
N LEU A 142 -13.66 6.89 34.83
CA LEU A 142 -12.39 7.54 34.47
C LEU A 142 -12.24 8.90 35.13
N ASN A 143 -13.32 9.66 35.17
CA ASN A 143 -13.26 10.99 35.78
C ASN A 143 -13.14 10.89 37.30
N VAL A 144 -13.80 9.88 37.86
CA VAL A 144 -13.68 9.57 39.28
C VAL A 144 -12.22 9.36 39.68
N LEU A 145 -11.51 8.55 38.89
CA LEU A 145 -10.13 8.18 39.22
C LEU A 145 -9.13 9.08 38.53
N ASN A 146 -9.61 10.12 37.86
CA ASN A 146 -8.71 10.98 37.09
C ASN A 146 -7.83 10.19 36.10
N LEU A 147 -8.42 9.20 35.43
CA LEU A 147 -7.66 8.26 34.60
C LEU A 147 -7.90 8.50 33.11
N LYS A 148 -6.84 8.69 32.33
CA LYS A 148 -6.99 8.93 30.89
C LYS A 148 -7.54 7.70 30.21
N ALA A 149 -8.40 7.88 29.22
CA ALA A 149 -9.00 6.78 28.48
C ALA A 149 -7.95 5.89 27.83
N PHE A 150 -6.92 6.50 27.26
CA PHE A 150 -5.86 5.75 26.59
C PHE A 150 -5.10 4.84 27.56
N ASP A 151 -4.92 5.28 28.80
CA ASP A 151 -4.26 4.46 29.80
C ASP A 151 -5.13 3.28 30.23
N PHE A 152 -6.40 3.57 30.44
CA PHE A 152 -7.38 2.53 30.74
C PHE A 152 -7.49 1.53 29.60
N TYR A 153 -7.50 2.01 28.36
CA TYR A 153 -7.64 1.13 27.19
C TYR A 153 -6.62 -0.02 27.22
N LYS A 154 -5.41 0.27 27.72
CA LYS A 154 -4.34 -0.72 27.76
C LYS A 154 -4.67 -1.99 28.52
N VAL A 155 -5.57 -1.93 29.50
CA VAL A 155 -5.82 -3.11 30.35
C VAL A 155 -6.94 -4.02 29.85
N ILE A 156 -7.82 -3.49 28.99
CA ILE A 156 -9.08 -4.19 28.70
C ILE A 156 -8.91 -5.61 28.16
N GLU A 157 -8.15 -5.78 27.07
CA GLU A 157 -7.98 -7.10 26.50
C GLU A 157 -7.38 -8.12 27.49
N SER A 158 -6.37 -7.71 28.26
CA SER A 158 -5.74 -8.64 29.19
C SER A 158 -6.67 -8.94 30.37
N PHE A 159 -7.46 -7.93 30.75
CA PHE A 159 -8.46 -8.11 31.80
C PHE A 159 -9.42 -9.23 31.36
N ILE A 160 -9.99 -9.08 30.17
CA ILE A 160 -10.94 -10.08 29.66
C ILE A 160 -10.30 -11.48 29.65
N LYS A 161 -9.06 -11.57 29.16
CA LYS A 161 -8.35 -12.83 29.10
C LYS A 161 -8.07 -13.42 30.50
N ALA A 162 -7.97 -12.56 31.50
CA ALA A 162 -7.64 -13.04 32.84
C ALA A 162 -8.88 -13.42 33.66
N GLU A 163 -10.07 -13.03 33.19
CA GLU A 163 -11.30 -13.32 33.91
C GLU A 163 -12.22 -14.22 33.08
N GLY A 164 -12.04 -15.53 33.24
CA GLY A 164 -12.81 -16.49 32.49
C GLY A 164 -14.29 -16.58 32.85
N ASN A 165 -14.70 -15.96 33.96
CA ASN A 165 -16.12 -16.01 34.35
C ASN A 165 -16.92 -14.79 33.90
N LEU A 166 -16.33 -13.92 33.08
CA LEU A 166 -17.08 -12.80 32.54
C LEU A 166 -18.19 -13.33 31.61
N THR A 167 -19.37 -12.73 31.68
CA THR A 167 -20.44 -13.14 30.80
C THR A 167 -20.27 -12.51 29.43
N ARG A 168 -20.91 -13.09 28.43
CA ARG A 168 -20.87 -12.56 27.07
C ARG A 168 -21.26 -11.09 27.07
N GLU A 169 -22.29 -10.76 27.83
CA GLU A 169 -22.82 -9.40 27.88
C GLU A 169 -21.78 -8.43 28.46
N MET A 170 -20.98 -8.91 29.42
CA MET A 170 -19.96 -8.04 30.03
C MET A 170 -18.75 -7.86 29.11
N ILE A 171 -18.33 -8.94 28.46
CA ILE A 171 -17.26 -8.88 27.47
C ILE A 171 -17.63 -7.88 26.39
N LYS A 172 -18.87 -7.97 25.91
CA LYS A 172 -19.37 -7.03 24.92
C LYS A 172 -19.39 -5.60 25.45
N HIS A 173 -19.74 -5.44 26.71
CA HIS A 173 -19.70 -4.11 27.32
C HIS A 173 -18.28 -3.54 27.34
N LEU A 174 -17.32 -4.34 27.82
CA LEU A 174 -15.92 -3.92 27.83
C LEU A 174 -15.41 -3.65 26.40
N GLU A 175 -15.73 -4.54 25.46
CA GLU A 175 -15.35 -4.29 24.07
C GLU A 175 -15.95 -2.98 23.57
N ARG A 176 -17.17 -2.69 24.02
CA ARG A 176 -17.83 -1.46 23.65
C ARG A 176 -17.04 -0.27 24.21
N CYS A 177 -16.55 -0.42 25.45
CA CYS A 177 -15.78 0.65 26.08
C CYS A 177 -14.51 0.88 25.28
N GLU A 178 -13.84 -0.22 24.94
CA GLU A 178 -12.62 -0.16 24.15
C GLU A 178 -12.83 0.60 22.85
N HIS A 179 -13.90 0.26 22.13
CA HIS A 179 -14.21 0.92 20.87
C HIS A 179 -14.63 2.38 21.02
N ARG A 180 -15.29 2.73 22.12
CA ARG A 180 -15.60 4.14 22.33
C ARG A 180 -14.30 4.94 22.56
N ILE A 181 -13.34 4.35 23.26
CA ILE A 181 -12.04 4.99 23.48
C ILE A 181 -11.30 5.16 22.15
N MET A 182 -11.34 4.10 21.33
CA MET A 182 -10.74 4.11 20.01
C MET A 182 -11.36 5.15 19.08
N GLU A 183 -12.67 5.33 19.17
CA GLU A 183 -13.34 6.23 18.25
C GLU A 183 -13.37 7.68 18.68
N SER A 184 -13.27 7.95 19.99
CA SER A 184 -13.43 9.31 20.47
C SER A 184 -12.56 9.66 21.68
N PHE A 185 -12.73 8.93 22.78
CA PHE A 185 -12.08 9.28 24.04
C PHE A 185 -10.56 9.44 23.99
N ALA A 186 -9.87 8.55 23.28
CA ALA A 186 -8.42 8.63 23.21
C ALA A 186 -7.93 9.85 22.44
N TRP A 187 -8.83 10.53 21.74
CA TRP A 187 -8.46 11.65 20.88
C TRP A 187 -8.81 13.00 21.49
N LEU A 188 -9.32 12.98 22.71
CA LEU A 188 -9.60 14.23 23.43
C LEU A 188 -8.30 15.01 23.68
N SER A 189 -8.40 16.33 23.79
CA SER A 189 -7.23 17.14 24.15
C SER A 189 -6.63 16.67 25.46
N ASP A 190 -5.30 16.73 25.52
CA ASP A 190 -4.51 16.29 26.68
C ASP A 190 -4.31 14.77 26.72
N SER A 191 -4.89 14.04 25.78
CA SER A 191 -4.72 12.59 25.76
C SER A 191 -3.24 12.21 25.59
N PRO A 192 -2.77 11.21 26.36
CA PRO A 192 -1.38 10.76 26.20
C PRO A 192 -1.08 10.29 24.78
N LEU A 193 -2.12 9.92 24.02
CA LEU A 193 -1.98 9.47 22.63
C LEU A 193 -1.22 10.45 21.73
N PHE A 194 -1.59 11.72 21.83
CA PHE A 194 -0.97 12.75 20.99
C PHE A 194 0.52 12.91 21.32
N ASP A 195 0.88 12.70 22.58
CA ASP A 195 2.29 12.75 22.95
C ASP A 195 3.05 11.62 22.28
N LEU A 196 2.45 10.43 22.24
CA LEU A 196 3.06 9.28 21.59
C LEU A 196 3.17 9.51 20.08
N ILE A 197 2.11 10.09 19.50
CA ILE A 197 2.12 10.39 18.07
C ILE A 197 3.25 11.38 17.75
N LYS A 198 3.32 12.48 18.52
CA LYS A 198 4.42 13.46 18.40
C LYS A 198 5.81 12.82 18.39
N GLN A 199 5.99 11.81 19.23
CA GLN A 199 7.28 11.13 19.32
C GLN A 199 7.69 10.39 18.04
N SER A 200 6.80 9.54 17.53
CA SER A 200 7.15 8.66 16.41
C SER A 200 7.51 9.43 15.13
N HIS A 224 2.31 -7.94 23.44
CA HIS A 224 1.62 -6.68 23.76
C HIS A 224 0.50 -6.88 24.78
N THR A 225 0.83 -7.50 25.91
CA THR A 225 -0.13 -7.63 26.99
C THR A 225 -0.25 -6.31 27.71
N ALA A 226 -1.27 -6.19 28.55
CA ALA A 226 -1.43 -4.97 29.34
C ALA A 226 -0.12 -4.67 30.08
N ALA A 227 0.52 -5.68 30.64
CA ALA A 227 1.78 -5.48 31.34
C ALA A 227 2.84 -4.82 30.44
N ASP A 228 3.00 -5.33 29.23
CA ASP A 228 3.99 -4.76 28.33
C ASP A 228 3.73 -3.27 28.11
N MET A 229 2.47 -2.93 27.86
CA MET A 229 2.13 -1.55 27.55
C MET A 229 2.27 -0.59 28.73
N TYR A 230 2.09 -1.09 29.95
CA TYR A 230 2.25 -0.23 31.13
C TYR A 230 3.73 -0.10 31.51
N LEU A 231 4.53 -1.08 31.11
CA LEU A 231 5.97 -1.06 31.39
C LEU A 231 6.73 -0.06 30.50
N GLU A 232 6.13 0.36 29.40
CA GLU A 232 6.77 1.35 28.52
C GLU A 232 7.13 2.60 29.31
N PRO A 233 8.30 3.19 29.02
CA PRO A 233 8.75 4.41 29.69
C PRO A 233 7.93 5.62 29.25
N VAL A 234 8.39 6.82 29.61
CA VAL A 234 7.83 8.05 29.07
C VAL A 234 8.93 8.93 28.50
N SER A 268 6.70 2.84 19.59
CA SER A 268 5.88 2.51 20.77
C SER A 268 4.89 1.39 20.49
N THR A 269 4.90 0.37 21.35
CA THR A 269 4.07 -0.81 21.13
C THR A 269 2.61 -0.53 21.47
N SER A 270 2.39 0.33 22.46
CA SER A 270 1.04 0.79 22.76
C SER A 270 0.49 1.54 21.56
N LEU A 271 1.29 2.44 21.02
CA LEU A 271 0.90 3.21 19.85
C LEU A 271 0.59 2.32 18.65
N SER A 272 1.48 1.36 18.37
CA SER A 272 1.35 0.49 17.20
C SER A 272 0.06 -0.32 17.26
N LEU A 273 -0.16 -0.96 18.39
CA LEU A 273 -1.32 -1.83 18.55
C LEU A 273 -2.60 -1.00 18.57
N PHE A 274 -2.51 0.21 19.12
CA PHE A 274 -3.71 1.05 19.18
C PHE A 274 -4.14 1.39 17.77
N TYR A 275 -3.18 1.85 16.96
CA TYR A 275 -3.45 2.23 15.59
C TYR A 275 -3.94 1.04 14.76
N LYS A 276 -3.34 -0.12 14.96
CA LYS A 276 -3.77 -1.31 14.23
C LYS A 276 -5.24 -1.61 14.51
N LYS A 277 -5.64 -1.55 15.78
CA LYS A 277 -7.03 -1.83 16.11
C LYS A 277 -7.95 -0.72 15.59
N VAL A 278 -7.50 0.54 15.69
CA VAL A 278 -8.30 1.63 15.13
C VAL A 278 -8.52 1.44 13.62
N TYR A 279 -7.46 1.09 12.90
CA TYR A 279 -7.59 0.85 11.46
C TYR A 279 -8.60 -0.24 11.19
N ARG A 280 -8.49 -1.35 11.91
CA ARG A 280 -9.45 -2.45 11.77
C ARG A 280 -10.90 -1.99 11.98
N LEU A 281 -11.11 -1.28 13.08
CA LEU A 281 -12.43 -0.72 13.41
C LEU A 281 -12.94 0.21 12.30
N ALA A 282 -12.08 1.13 11.87
CA ALA A 282 -12.46 2.15 10.89
C ALA A 282 -12.79 1.56 9.52
N TYR A 283 -12.04 0.56 9.07
CA TYR A 283 -12.31 -0.03 7.76
C TYR A 283 -13.64 -0.82 7.78
N LEU A 284 -13.87 -1.56 8.86
CA LEU A 284 -15.13 -2.29 9.06
C LEU A 284 -16.36 -1.42 8.81
N ARG A 285 -16.37 -0.23 9.42
CA ARG A 285 -17.52 0.65 9.31
C ARG A 285 -17.57 1.28 7.92
N LEU A 286 -16.41 1.58 7.35
CA LEU A 286 -16.35 2.17 6.03
C LEU A 286 -16.89 1.16 5.03
N ASN A 287 -16.43 -0.08 5.19
CA ASN A 287 -16.83 -1.18 4.31
C ASN A 287 -18.35 -1.27 4.24
N THR A 288 -18.97 -1.28 5.42
CA THR A 288 -20.43 -1.37 5.53
C THR A 288 -21.16 -0.27 4.75
N LEU A 289 -20.79 0.98 5.00
CA LEU A 289 -21.44 2.10 4.32
C LEU A 289 -21.18 2.09 2.82
N CYS A 290 -19.95 1.74 2.43
CA CYS A 290 -19.59 1.70 1.03
C CYS A 290 -20.39 0.65 0.25
N GLU A 291 -20.50 -0.54 0.83
CA GLU A 291 -21.27 -1.63 0.22
C GLU A 291 -22.74 -1.29 0.01
N ARG A 292 -23.27 -0.39 0.84
CA ARG A 292 -24.67 -0.01 0.79
C ARG A 292 -24.92 1.20 -0.10
N LEU A 293 -23.87 1.98 -0.36
CA LEU A 293 -24.05 3.29 -1.00
C LEU A 293 -23.32 3.45 -2.33
N LEU A 294 -22.32 2.61 -2.58
CA LEU A 294 -21.45 2.81 -3.74
C LEU A 294 -21.15 1.50 -4.46
N SER A 295 -22.16 0.65 -4.56
CA SER A 295 -22.01 -0.62 -5.24
C SER A 295 -21.78 -0.44 -6.75
N GLU A 296 -22.38 0.60 -7.34
CA GLU A 296 -22.21 0.85 -8.77
C GLU A 296 -20.90 1.55 -9.11
N HIS A 297 -20.17 1.96 -8.07
CA HIS A 297 -18.79 2.43 -8.24
C HIS A 297 -17.92 1.72 -7.20
N PRO A 298 -17.63 0.44 -7.41
CA PRO A 298 -16.95 -0.40 -6.41
C PRO A 298 -15.46 -0.11 -6.34
N GLU A 299 -14.95 0.70 -7.25
CA GLU A 299 -13.55 1.12 -7.21
C GLU A 299 -13.33 2.06 -6.01
N LEU A 300 -14.39 2.76 -5.64
CA LEU A 300 -14.33 3.88 -4.71
C LEU A 300 -13.82 3.54 -3.32
N GLU A 301 -14.27 2.40 -2.78
CA GLU A 301 -14.01 2.03 -1.39
C GLU A 301 -12.55 2.06 -1.00
N HIS A 302 -11.70 1.41 -1.80
CA HIS A 302 -10.27 1.31 -1.45
C HIS A 302 -9.62 2.69 -1.53
N ILE A 303 -10.08 3.50 -2.47
CA ILE A 303 -9.65 4.88 -2.60
C ILE A 303 -10.05 5.71 -1.39
N ILE A 304 -11.31 5.54 -0.97
CA ILE A 304 -11.82 6.26 0.19
C ILE A 304 -11.06 5.84 1.44
N TRP A 305 -10.79 4.54 1.57
CA TRP A 305 -9.98 4.01 2.66
C TRP A 305 -8.57 4.57 2.69
N THR A 306 -7.92 4.67 1.53
CA THR A 306 -6.58 5.28 1.49
C THR A 306 -6.61 6.73 1.98
N LEU A 307 -7.64 7.49 1.62
CA LEU A 307 -7.75 8.86 2.13
C LEU A 307 -7.96 8.84 3.65
N PHE A 308 -8.85 7.96 4.10
CA PHE A 308 -9.16 7.82 5.51
C PHE A 308 -7.91 7.47 6.33
N GLN A 309 -7.25 6.39 5.94
CA GLN A 309 -6.07 5.93 6.67
C GLN A 309 -4.97 6.98 6.65
N HIS A 310 -4.70 7.57 5.48
CA HIS A 310 -3.69 8.63 5.38
C HIS A 310 -3.96 9.74 6.39
N THR A 311 -5.22 10.14 6.50
CA THR A 311 -5.62 11.26 7.35
C THR A 311 -5.46 10.90 8.83
N LEU A 312 -5.85 9.69 9.19
CA LEU A 312 -5.63 9.20 10.55
C LEU A 312 -4.14 9.18 10.86
N GLN A 313 -3.36 8.73 9.88
CA GLN A 313 -1.91 8.62 10.08
C GLN A 313 -1.17 9.97 10.11
N ASN A 314 -1.50 10.86 9.19
CA ASN A 314 -0.69 12.04 8.94
C ASN A 314 -1.35 13.37 9.27
N GLU A 315 -2.68 13.36 9.36
CA GLU A 315 -3.41 14.56 9.73
C GLU A 315 -4.25 14.31 10.99
N TYR A 316 -3.63 13.65 11.96
CA TYR A 316 -4.27 13.21 13.20
C TYR A 316 -4.88 14.34 14.04
N GLU A 317 -4.45 15.57 13.82
CA GLU A 317 -4.98 16.70 14.58
C GLU A 317 -6.47 16.91 14.31
N LEU A 318 -6.93 16.44 13.16
CA LEU A 318 -8.35 16.53 12.82
C LEU A 318 -9.20 15.66 13.75
N MET A 319 -8.57 14.64 14.34
CA MET A 319 -9.26 13.74 15.27
C MET A 319 -9.39 14.33 16.68
N ARG A 320 -8.54 15.30 17.00
CA ARG A 320 -8.54 15.88 18.34
C ARG A 320 -9.88 16.50 18.71
N ASP A 321 -10.48 15.99 19.79
CA ASP A 321 -11.81 16.42 20.22
C ASP A 321 -12.90 16.15 19.18
N ARG A 322 -12.69 15.15 18.34
CA ARG A 322 -13.71 14.74 17.37
C ARG A 322 -13.82 13.22 17.30
N HIS A 323 -14.63 12.74 16.36
CA HIS A 323 -15.06 11.35 16.31
C HIS A 323 -14.58 10.68 15.02
N LEU A 324 -14.09 9.45 15.16
CA LEU A 324 -13.64 8.63 14.05
C LEU A 324 -14.63 8.64 12.87
N ASP A 325 -15.91 8.45 13.15
CA ASP A 325 -16.92 8.36 12.09
C ASP A 325 -17.12 9.67 11.33
N GLN A 326 -16.74 10.79 11.92
CA GLN A 326 -16.82 12.08 11.24
C GLN A 326 -15.76 12.19 10.13
N ILE A 327 -14.56 11.71 10.42
CA ILE A 327 -13.49 11.65 9.43
C ILE A 327 -13.82 10.62 8.35
N MET A 328 -14.57 9.58 8.73
CA MET A 328 -14.99 8.55 7.79
C MET A 328 -15.95 9.11 6.74
N MET A 329 -17.00 9.77 7.21
CA MET A 329 -18.04 10.29 6.33
C MET A 329 -17.50 11.39 5.42
N CYS A 330 -16.58 12.20 5.95
CA CYS A 330 -16.00 13.27 5.16
C CYS A 330 -15.08 12.75 4.06
N SER A 331 -14.38 11.66 4.36
CA SER A 331 -13.51 11.03 3.36
C SER A 331 -14.35 10.49 2.20
N MET A 332 -15.51 9.93 2.51
CA MET A 332 -16.39 9.41 1.46
C MET A 332 -16.90 10.53 0.57
N TYR A 333 -17.41 11.59 1.19
CA TYR A 333 -17.98 12.71 0.45
C TYR A 333 -16.89 13.40 -0.34
N GLY A 334 -15.71 13.50 0.25
CA GLY A 334 -14.58 14.17 -0.36
C GLY A 334 -14.13 13.48 -1.63
N ILE A 335 -13.96 12.16 -1.55
CA ILE A 335 -13.52 11.38 -2.70
C ILE A 335 -14.55 11.42 -3.84
N CYS A 336 -15.83 11.25 -3.50
CA CYS A 336 -16.88 11.25 -4.49
C CYS A 336 -17.00 12.62 -5.16
N LYS A 337 -16.70 13.66 -4.40
CA LYS A 337 -16.74 15.02 -4.92
C LYS A 337 -15.74 15.17 -6.07
N VAL A 338 -14.49 14.79 -5.81
CA VAL A 338 -13.42 14.97 -6.78
C VAL A 338 -13.41 13.90 -7.88
N LYS A 339 -14.38 12.98 -7.82
CA LYS A 339 -14.59 12.04 -8.91
C LYS A 339 -15.79 12.48 -9.73
N ASN A 340 -16.32 13.66 -9.40
CA ASN A 340 -17.60 14.12 -9.96
C ASN A 340 -18.70 13.06 -9.83
N ILE A 341 -18.92 12.58 -8.62
CA ILE A 341 -20.00 11.63 -8.34
C ILE A 341 -21.03 12.22 -7.40
N ASP A 342 -22.31 12.10 -7.78
CA ASP A 342 -23.38 12.61 -6.96
C ASP A 342 -23.58 11.73 -5.73
N LEU A 343 -22.97 12.13 -4.62
CA LEU A 343 -23.24 11.51 -3.33
C LEU A 343 -23.42 12.59 -2.26
N LYS A 344 -24.66 13.00 -2.06
CA LYS A 344 -24.96 14.04 -1.08
C LYS A 344 -24.67 13.53 0.34
N PHE A 345 -24.27 14.44 1.22
CA PHE A 345 -24.07 14.13 2.63
C PHE A 345 -25.33 13.52 3.25
N LYS A 346 -26.48 14.06 2.85
CA LYS A 346 -27.78 13.58 3.30
C LYS A 346 -27.93 12.07 3.09
N ILE A 347 -27.45 11.58 1.95
CA ILE A 347 -27.52 10.16 1.68
C ILE A 347 -26.54 9.42 2.59
N ILE A 348 -25.37 10.01 2.78
CA ILE A 348 -24.35 9.41 3.65
C ILE A 348 -24.85 9.27 5.09
N VAL A 349 -25.29 10.39 5.65
CA VAL A 349 -25.83 10.46 7.01
C VAL A 349 -26.93 9.43 7.29
N THR A 350 -27.84 9.26 6.33
CA THR A 350 -28.99 8.38 6.48
C THR A 350 -28.57 6.91 6.59
N ALA A 351 -27.52 6.54 5.87
CA ALA A 351 -27.01 5.18 5.91
C ALA A 351 -26.23 4.94 7.20
N TYR A 352 -25.62 6.01 7.71
CA TYR A 352 -24.81 5.96 8.93
C TYR A 352 -25.63 5.51 10.15
N LYS A 353 -26.87 5.97 10.23
CA LYS A 353 -27.75 5.72 11.36
C LYS A 353 -28.02 4.24 11.62
N ASP A 354 -27.93 3.42 10.57
CA ASP A 354 -28.19 1.98 10.71
C ASP A 354 -26.97 1.22 11.24
N LEU A 355 -25.85 1.91 11.41
CA LEU A 355 -24.68 1.31 12.06
C LEU A 355 -25.01 1.04 13.53
N PRO A 356 -24.58 -0.13 14.04
CA PRO A 356 -25.06 -0.76 15.28
C PRO A 356 -25.08 0.14 16.53
N HIS A 357 -24.20 1.13 16.61
CA HIS A 357 -24.16 1.98 17.79
C HIS A 357 -24.28 3.45 17.41
N ALA A 358 -24.57 3.70 16.15
CA ALA A 358 -24.55 5.07 15.60
C ALA A 358 -25.58 6.01 16.21
N VAL A 359 -25.17 7.25 16.40
CA VAL A 359 -25.94 8.25 17.13
C VAL A 359 -25.93 9.57 16.36
N GLN A 360 -27.13 10.12 16.12
CA GLN A 360 -27.31 11.25 15.20
C GLN A 360 -26.51 12.51 15.56
N GLU A 361 -26.09 12.59 16.81
CA GLU A 361 -25.31 13.70 17.32
C GLU A 361 -23.94 13.81 16.66
N THR A 362 -23.41 12.66 16.26
CA THR A 362 -22.11 12.55 15.62
C THR A 362 -21.99 13.36 14.31
N PHE A 363 -23.08 13.45 13.55
CA PHE A 363 -23.07 14.25 12.31
C PHE A 363 -23.79 15.59 12.48
N LYS A 364 -24.58 15.73 13.54
CA LYS A 364 -25.26 16.98 13.83
C LYS A 364 -24.37 17.95 14.60
N ARG A 365 -23.52 17.39 15.44
CA ARG A 365 -22.72 18.22 16.33
C ARG A 365 -21.24 17.90 16.16
N VAL A 366 -20.59 18.62 15.26
CA VAL A 366 -19.18 18.38 14.94
C VAL A 366 -18.38 19.63 15.28
N LEU A 367 -17.28 19.45 16.01
CA LEU A 367 -16.44 20.57 16.40
C LEU A 367 -15.84 21.24 15.19
N ILE A 368 -15.84 22.58 15.19
CA ILE A 368 -15.21 23.33 14.12
C ILE A 368 -13.93 23.97 14.63
N LYS A 369 -14.05 25.14 15.24
CA LYS A 369 -12.89 25.79 15.86
C LYS A 369 -13.26 26.41 17.20
N GLU A 370 -12.27 26.49 18.09
CA GLU A 370 -12.42 27.02 19.45
C GLU A 370 -13.79 26.85 20.13
N GLU A 371 -14.22 25.59 20.24
CA GLU A 371 -15.52 25.31 20.83
C GLU A 371 -16.63 26.12 20.11
N GLU A 372 -16.84 25.73 18.86
CA GLU A 372 -18.08 26.06 18.16
C GLU A 372 -18.41 24.84 17.30
N TYR A 373 -19.67 24.42 17.36
CA TYR A 373 -20.08 23.14 16.79
C TYR A 373 -21.11 23.39 15.71
N ASP A 374 -21.11 22.51 14.72
CA ASP A 374 -22.05 22.63 13.63
C ASP A 374 -22.21 21.26 13.00
N SER A 375 -22.92 21.22 11.88
CA SER A 375 -23.17 19.96 11.19
C SER A 375 -21.89 19.50 10.48
N ILE A 376 -21.90 18.26 10.03
CA ILE A 376 -20.75 17.69 9.33
C ILE A 376 -20.46 18.43 8.02
N ILE A 377 -21.49 18.95 7.36
CA ILE A 377 -21.33 19.66 6.09
C ILE A 377 -20.47 20.91 6.28
N VAL A 378 -20.66 21.60 7.40
CA VAL A 378 -19.86 22.78 7.71
C VAL A 378 -18.41 22.39 8.05
N PHE A 379 -18.26 21.33 8.84
CA PHE A 379 -16.93 20.81 9.19
C PHE A 379 -16.13 20.44 7.93
N TYR A 380 -16.76 19.71 7.03
CA TYR A 380 -16.13 19.33 5.76
C TYR A 380 -15.63 20.54 4.97
N ASN A 381 -16.49 21.55 4.78
CA ASN A 381 -16.13 22.75 4.03
C ASN A 381 -15.06 23.65 4.69
N SER A 382 -15.24 23.90 5.98
CA SER A 382 -14.40 24.86 6.70
C SER A 382 -13.07 24.29 7.20
N VAL A 383 -13.08 23.04 7.67
CA VAL A 383 -11.90 22.44 8.29
C VAL A 383 -11.26 21.32 7.48
N PHE A 384 -12.05 20.28 7.20
CA PHE A 384 -11.58 19.07 6.50
C PHE A 384 -10.96 19.42 5.14
N MET A 385 -11.74 20.07 4.27
CA MET A 385 -11.27 20.49 2.94
C MET A 385 -10.05 21.41 2.96
N GLN A 386 -10.10 22.44 3.80
CA GLN A 386 -9.04 23.43 3.89
C GLN A 386 -7.70 22.84 4.34
N ARG A 387 -7.76 21.72 5.06
CA ARG A 387 -6.55 21.04 5.52
C ARG A 387 -6.11 19.99 4.50
N LEU A 388 -7.08 19.41 3.81
CA LEU A 388 -6.80 18.25 2.96
C LEU A 388 -7.00 18.50 1.46
N LYS A 389 -7.15 19.76 1.07
CA LYS A 389 -7.36 20.14 -0.33
C LYS A 389 -6.37 19.49 -1.29
N THR A 390 -5.09 19.75 -1.08
CA THR A 390 -4.05 19.22 -1.96
C THR A 390 -4.04 17.69 -1.95
N ASN A 391 -4.43 17.11 -0.83
CA ASN A 391 -4.41 15.66 -0.66
C ASN A 391 -5.50 14.97 -1.48
N ILE A 392 -6.72 15.50 -1.39
CA ILE A 392 -7.86 14.89 -2.06
C ILE A 392 -7.75 15.03 -3.57
N LEU A 393 -7.22 16.16 -4.02
CA LEU A 393 -7.07 16.44 -5.44
C LEU A 393 -6.18 15.42 -6.16
N GLN A 394 -5.21 14.84 -5.43
CA GLN A 394 -4.32 13.85 -6.04
C GLN A 394 -5.06 12.62 -6.52
N TYR A 395 -6.17 12.28 -5.87
CA TYR A 395 -6.96 11.13 -6.26
C TYR A 395 -7.73 11.38 -7.58
N ALA A 396 -7.53 12.56 -8.17
CA ALA A 396 -8.11 12.86 -9.48
C ALA A 396 -6.99 13.16 -10.48
N SER A 397 -5.75 13.02 -10.03
CA SER A 397 -4.62 13.27 -10.89
C SER A 397 -4.31 12.02 -11.72
N THR A 398 -3.37 12.15 -12.65
CA THR A 398 -2.94 11.03 -13.47
C THR A 398 -1.99 10.14 -12.69
N ARG A 399 -1.47 10.65 -11.57
CA ARG A 399 -0.72 9.83 -10.63
C ARG A 399 -1.35 9.84 -9.24
N PRO A 400 -2.49 9.14 -9.08
CA PRO A 400 -3.17 9.11 -7.78
C PRO A 400 -2.29 8.38 -6.76
N PRO A 401 -2.38 8.77 -5.48
CA PRO A 401 -1.51 8.13 -4.47
C PRO A 401 -1.76 6.63 -4.38
N THR A 402 -0.74 5.88 -3.96
CA THR A 402 -0.81 4.42 -3.89
C THR A 402 -1.86 3.95 -2.87
N LEU A 403 -2.66 2.95 -3.24
CA LEU A 403 -3.71 2.40 -2.39
C LEU A 403 -3.17 1.90 -1.04
N ALA A 404 -3.87 2.19 0.04
CA ALA A 404 -3.43 1.80 1.38
C ALA A 404 -3.75 0.33 1.66
N PRO A 405 -2.93 -0.34 2.48
CA PRO A 405 -3.23 -1.71 2.91
C PRO A 405 -4.60 -1.80 3.57
N ILE A 406 -5.31 -2.89 3.32
CA ILE A 406 -6.49 -3.25 4.10
C ILE A 406 -5.97 -3.98 5.33
N PRO A 407 -6.41 -3.57 6.53
CA PRO A 407 -5.98 -4.19 7.79
C PRO A 407 -6.40 -5.66 7.91
N GLN B 8 14.71 21.46 -33.92
CA GLN B 8 15.33 21.09 -35.17
C GLN B 8 14.54 19.99 -35.84
N LEU B 9 14.36 18.89 -35.10
CA LEU B 9 13.34 17.94 -35.47
C LEU B 9 12.00 18.65 -35.22
N MET B 10 11.93 19.33 -34.07
CA MET B 10 10.77 20.13 -33.68
C MET B 10 10.56 21.34 -34.58
N MET B 11 11.59 21.76 -35.30
CA MET B 11 11.44 22.84 -36.27
C MET B 11 10.93 22.27 -37.58
N ILE B 12 11.38 21.05 -37.90
CA ILE B 12 10.86 20.34 -39.06
C ILE B 12 9.38 20.07 -38.85
N LEU B 13 9.05 19.57 -37.66
CA LEU B 13 7.66 19.24 -37.33
C LEU B 13 6.73 20.45 -37.39
N ASN B 14 7.17 21.57 -36.80
CA ASN B 14 6.34 22.77 -36.76
C ASN B 14 6.07 23.36 -38.15
N SER B 15 6.92 23.02 -39.12
CA SER B 15 6.77 23.50 -40.50
C SER B 15 6.18 22.45 -41.44
N ALA B 16 6.18 21.19 -41.02
CA ALA B 16 5.73 20.11 -41.89
C ALA B 16 4.20 20.13 -42.10
N SER B 17 3.75 19.39 -43.10
CA SER B 17 2.33 19.26 -43.37
C SER B 17 1.70 18.21 -42.46
N ASP B 18 0.38 18.26 -42.34
CA ASP B 18 -0.36 17.30 -41.52
C ASP B 18 -0.61 16.02 -42.29
N GLN B 19 -0.04 15.91 -43.49
CA GLN B 19 -0.40 14.84 -44.40
C GLN B 19 0.76 13.89 -44.70
N PRO B 20 0.43 12.65 -45.09
CA PRO B 20 1.47 11.77 -45.63
C PRO B 20 2.17 12.43 -46.81
N SER B 21 3.46 12.16 -47.00
CA SER B 21 4.16 12.72 -48.14
C SER B 21 3.74 11.93 -49.38
N GLU B 22 3.96 12.52 -50.55
CA GLU B 22 3.71 11.83 -51.82
C GLU B 22 4.47 10.51 -51.86
N ASN B 23 5.67 10.52 -51.28
CA ASN B 23 6.49 9.32 -51.17
C ASN B 23 5.81 8.23 -50.35
N LEU B 24 5.22 8.62 -49.21
CA LEU B 24 4.50 7.70 -48.36
C LEU B 24 3.30 7.10 -49.08
N ILE B 25 2.59 7.94 -49.82
CA ILE B 25 1.40 7.49 -50.56
C ILE B 25 1.79 6.43 -51.58
N SER B 26 2.94 6.62 -52.23
CA SER B 26 3.43 5.65 -53.20
C SER B 26 3.58 4.29 -52.55
N TYR B 27 4.16 4.27 -51.35
CA TYR B 27 4.25 3.04 -50.56
C TYR B 27 2.88 2.41 -50.34
N PHE B 28 1.90 3.24 -49.96
CA PHE B 28 0.54 2.73 -49.77
C PHE B 28 0.00 2.16 -51.08
N ASN B 29 0.22 2.90 -52.17
CA ASN B 29 -0.34 2.50 -53.47
C ASN B 29 0.23 1.20 -54.02
N ASN B 30 1.40 0.79 -53.52
CA ASN B 30 1.99 -0.48 -53.92
C ASN B 30 1.49 -1.66 -53.09
N CYS B 31 0.70 -1.38 -52.06
CA CYS B 31 0.24 -2.44 -51.16
C CYS B 31 -0.91 -3.23 -51.77
N THR B 32 -0.91 -4.54 -51.55
CA THR B 32 -1.97 -5.42 -52.01
C THR B 32 -3.32 -4.93 -51.50
N VAL B 33 -3.34 -4.53 -50.24
CA VAL B 33 -4.53 -3.88 -49.69
C VAL B 33 -4.13 -2.47 -49.31
N ASN B 34 -4.67 -1.49 -50.03
CA ASN B 34 -4.28 -0.10 -49.84
C ASN B 34 -4.70 0.41 -48.47
N PRO B 35 -3.72 0.75 -47.62
CA PRO B 35 -3.96 1.05 -46.20
C PRO B 35 -4.22 2.53 -45.93
N LYS B 36 -4.16 3.38 -46.94
CA LYS B 36 -4.28 4.82 -46.74
C LYS B 36 -5.56 5.21 -45.99
N GLU B 37 -6.68 4.62 -46.39
CA GLU B 37 -7.97 4.94 -45.79
C GLU B 37 -8.01 4.55 -44.31
N SER B 38 -7.56 3.34 -44.01
CA SER B 38 -7.48 2.89 -42.62
C SER B 38 -6.50 3.75 -41.81
N ILE B 39 -5.37 4.12 -42.42
CA ILE B 39 -4.38 4.96 -41.72
C ILE B 39 -4.90 6.36 -41.38
N LEU B 40 -5.54 7.03 -42.34
CA LEU B 40 -6.10 8.36 -42.08
C LEU B 40 -7.21 8.32 -41.03
N LYS B 41 -8.11 7.36 -41.17
CA LYS B 41 -9.21 7.20 -40.23
C LYS B 41 -8.72 6.98 -38.79
N ARG B 42 -7.76 6.08 -38.62
CA ARG B 42 -7.23 5.79 -37.29
C ARG B 42 -6.68 7.05 -36.64
N VAL B 43 -5.94 7.83 -37.42
CA VAL B 43 -5.41 9.10 -36.93
C VAL B 43 -6.53 10.04 -36.49
N LYS B 44 -7.53 10.19 -37.36
CA LYS B 44 -8.68 11.03 -37.07
C LYS B 44 -9.39 10.60 -35.79
N ASP B 45 -9.70 9.31 -35.68
CA ASP B 45 -10.40 8.81 -34.51
C ASP B 45 -9.58 8.96 -33.23
N ILE B 46 -8.29 8.58 -33.28
CA ILE B 46 -7.45 8.71 -32.10
C ILE B 46 -7.29 10.19 -31.71
N GLY B 47 -7.31 11.06 -32.71
CA GLY B 47 -7.31 12.49 -32.47
C GLY B 47 -8.39 12.93 -31.49
N TYR B 48 -9.62 12.47 -31.68
CA TYR B 48 -10.72 12.85 -30.79
C TYR B 48 -10.44 12.41 -29.36
N ILE B 49 -10.13 11.13 -29.21
CA ILE B 49 -9.87 10.55 -27.89
C ILE B 49 -8.72 11.26 -27.19
N PHE B 50 -7.62 11.44 -27.91
CA PHE B 50 -6.45 12.07 -27.34
C PHE B 50 -6.78 13.48 -26.84
N LYS B 51 -7.43 14.27 -27.69
CA LYS B 51 -7.74 15.66 -27.32
C LYS B 51 -8.64 15.69 -26.09
N GLU B 52 -9.61 14.79 -26.05
CA GLU B 52 -10.55 14.72 -24.94
C GLU B 52 -9.84 14.31 -23.65
N LYS B 53 -8.99 13.29 -23.73
CA LYS B 53 -8.23 12.84 -22.55
C LYS B 53 -7.19 13.88 -22.14
N PHE B 54 -6.55 14.53 -23.12
CA PHE B 54 -5.60 15.57 -22.75
C PHE B 54 -6.31 16.64 -21.91
N ALA B 55 -7.45 17.13 -22.39
CA ALA B 55 -8.13 18.23 -21.72
C ALA B 55 -8.63 17.80 -20.34
N LYS B 56 -9.04 16.54 -20.22
CA LYS B 56 -9.49 15.99 -18.95
C LYS B 56 -8.35 15.97 -17.93
N ALA B 57 -7.13 15.69 -18.39
CA ALA B 57 -5.99 15.62 -17.48
C ALA B 57 -5.40 16.99 -17.14
N VAL B 58 -5.45 17.91 -18.10
CA VAL B 58 -4.78 19.20 -17.93
C VAL B 58 -5.75 20.33 -17.59
N GLY B 59 -6.89 20.33 -18.26
CA GLY B 59 -7.87 21.39 -18.07
C GLY B 59 -8.59 21.76 -19.37
N GLN B 60 -9.88 22.05 -19.24
CA GLN B 60 -10.70 22.34 -20.41
C GLN B 60 -10.29 23.63 -21.13
N GLY B 61 -9.67 24.56 -20.40
CA GLY B 61 -9.20 25.79 -21.01
C GLY B 61 -7.97 25.54 -21.85
N CYS B 62 -7.44 24.31 -21.80
CA CYS B 62 -6.19 23.98 -22.47
C CYS B 62 -6.39 22.97 -23.59
N VAL B 63 -7.63 22.78 -24.01
CA VAL B 63 -7.94 21.80 -25.06
C VAL B 63 -7.17 22.06 -26.35
N GLU B 64 -6.88 23.32 -26.66
CA GLU B 64 -6.17 23.66 -27.90
C GLU B 64 -4.71 23.19 -27.85
N ILE B 65 -4.14 23.17 -26.65
CA ILE B 65 -2.79 22.64 -26.48
C ILE B 65 -2.77 21.18 -26.93
N GLY B 66 -3.70 20.39 -26.42
CA GLY B 66 -3.85 19.00 -26.82
C GLY B 66 -3.92 18.79 -28.33
N SER B 67 -4.75 19.56 -28.99
CA SER B 67 -4.88 19.43 -30.45
C SER B 67 -3.58 19.75 -31.19
N GLN B 68 -2.82 20.72 -30.70
CA GLN B 68 -1.56 21.07 -31.34
C GLN B 68 -0.48 20.02 -31.06
N ARG B 69 -0.50 19.45 -29.86
CA ARG B 69 0.42 18.35 -29.53
C ARG B 69 0.11 17.15 -30.40
N TYR B 70 -1.18 16.85 -30.56
CA TYR B 70 -1.55 15.72 -31.41
C TYR B 70 -1.08 15.92 -32.84
N LYS B 71 -1.28 17.12 -33.39
CA LYS B 71 -0.80 17.44 -34.73
C LYS B 71 0.71 17.20 -34.89
N LEU B 72 1.48 17.67 -33.92
CA LEU B 72 2.93 17.47 -34.01
C LEU B 72 3.24 15.98 -33.98
N GLY B 73 2.52 15.23 -33.14
CA GLY B 73 2.69 13.80 -33.07
C GLY B 73 2.46 13.19 -34.43
N VAL B 74 1.33 13.55 -35.05
CA VAL B 74 0.99 13.04 -36.37
C VAL B 74 2.07 13.33 -37.39
N ARG B 75 2.56 14.57 -37.43
CA ARG B 75 3.63 14.90 -38.36
C ARG B 75 4.82 13.98 -38.13
N LEU B 76 5.20 13.82 -36.85
CA LEU B 76 6.31 12.94 -36.52
C LEU B 76 6.03 11.51 -36.95
N TYR B 77 4.83 11.03 -36.64
CA TYR B 77 4.35 9.72 -37.05
C TYR B 77 4.60 9.48 -38.55
N TYR B 78 4.07 10.34 -39.43
CA TYR B 78 4.28 10.16 -40.88
C TYR B 78 5.75 10.22 -41.32
N ARG B 79 6.54 11.07 -40.68
CA ARG B 79 7.94 11.21 -41.06
C ARG B 79 8.75 9.95 -40.73
N VAL B 80 8.54 9.42 -39.51
CA VAL B 80 9.23 8.19 -39.13
C VAL B 80 8.72 7.00 -39.93
N MET B 81 7.41 6.96 -40.19
CA MET B 81 6.87 5.83 -40.94
C MET B 81 7.56 5.72 -42.30
N GLU B 82 7.66 6.84 -42.99
CA GLU B 82 8.29 6.91 -44.30
C GLU B 82 9.72 6.42 -44.22
N SER B 83 10.46 6.96 -43.27
CA SER B 83 11.85 6.59 -43.09
C SER B 83 11.98 5.09 -42.82
N MET B 84 11.08 4.56 -41.99
CA MET B 84 11.15 3.14 -41.62
C MET B 84 10.82 2.26 -42.82
N LEU B 85 9.82 2.68 -43.60
CA LEU B 85 9.39 1.90 -44.75
C LEU B 85 10.52 1.82 -45.76
N LYS B 86 11.19 2.96 -45.97
CA LYS B 86 12.34 3.03 -46.86
C LYS B 86 13.36 1.93 -46.56
N SER B 87 13.77 1.81 -45.30
CA SER B 87 14.78 0.81 -44.95
C SER B 87 14.24 -0.61 -45.04
N GLU B 88 12.94 -0.79 -44.94
CA GLU B 88 12.38 -2.15 -45.01
C GLU B 88 12.30 -2.69 -46.45
N GLU B 89 12.55 -1.84 -47.43
CA GLU B 89 12.57 -2.24 -48.85
C GLU B 89 13.60 -3.34 -49.08
N GLU B 90 14.76 -3.18 -48.47
CA GLU B 90 15.84 -4.14 -48.63
C GLU B 90 15.50 -5.48 -48.00
N ARG B 91 14.48 -5.49 -47.14
CA ARG B 91 14.26 -6.62 -46.25
C ARG B 91 12.92 -7.34 -46.46
N LEU B 92 11.89 -6.62 -46.88
CA LEU B 92 10.55 -7.21 -46.91
C LEU B 92 9.99 -7.39 -48.34
N SER B 93 9.22 -8.45 -48.54
CA SER B 93 8.46 -8.63 -49.77
C SER B 93 7.38 -7.56 -49.84
N ILE B 94 6.70 -7.45 -50.98
CA ILE B 94 5.58 -6.52 -51.08
C ILE B 94 4.41 -7.03 -50.24
N GLN B 95 4.30 -8.36 -50.13
CA GLN B 95 3.31 -8.98 -49.26
C GLN B 95 3.53 -8.55 -47.81
N ASN B 96 4.75 -8.72 -47.33
CA ASN B 96 5.12 -8.33 -45.97
C ASN B 96 4.75 -6.87 -45.74
N PHE B 97 5.08 -6.06 -46.74
CA PHE B 97 4.90 -4.62 -46.69
C PHE B 97 3.42 -4.26 -46.51
N SER B 98 2.54 -4.99 -47.20
CA SER B 98 1.11 -4.67 -47.16
C SER B 98 0.52 -5.12 -45.83
N LYS B 99 0.89 -6.32 -45.43
CA LYS B 99 0.50 -6.85 -44.14
C LYS B 99 0.94 -5.93 -42.98
N LEU B 100 2.16 -5.38 -43.08
CA LEU B 100 2.63 -4.49 -42.03
C LEU B 100 1.83 -3.20 -42.02
N LEU B 101 1.62 -2.61 -43.19
CA LEU B 101 0.93 -1.32 -43.28
C LEU B 101 -0.57 -1.39 -42.92
N ASN B 102 -1.15 -2.57 -42.99
CA ASN B 102 -2.51 -2.76 -42.51
C ASN B 102 -2.58 -3.29 -41.07
N ASP B 103 -1.45 -3.30 -40.36
CA ASP B 103 -1.41 -3.84 -39.01
C ASP B 103 -1.74 -2.78 -37.97
N ASN B 104 -2.92 -2.88 -37.34
CA ASN B 104 -3.35 -1.88 -36.36
C ASN B 104 -2.34 -1.64 -35.22
N ILE B 105 -1.75 -2.72 -34.72
CA ILE B 105 -0.84 -2.65 -33.58
C ILE B 105 0.44 -1.90 -33.94
N PHE B 106 0.97 -2.15 -35.12
CA PHE B 106 2.13 -1.38 -35.60
C PHE B 106 1.83 0.13 -35.65
N HIS B 107 0.70 0.51 -36.25
CA HIS B 107 0.36 1.94 -36.30
C HIS B 107 0.09 2.54 -34.94
N MET B 108 -0.64 1.82 -34.10
CA MET B 108 -0.90 2.32 -32.75
C MET B 108 0.41 2.56 -31.99
N SER B 109 1.35 1.63 -32.12
CA SER B 109 2.65 1.75 -31.44
C SER B 109 3.50 2.88 -32.03
N LEU B 110 3.52 3.00 -33.35
CA LEU B 110 4.31 4.05 -33.99
C LEU B 110 3.77 5.43 -33.60
N LEU B 111 2.45 5.58 -33.65
CA LEU B 111 1.82 6.83 -33.28
C LEU B 111 2.04 7.15 -31.82
N ALA B 112 1.83 6.15 -30.96
CA ALA B 112 2.03 6.33 -29.51
C ALA B 112 3.45 6.82 -29.22
N CYS B 113 4.43 6.23 -29.91
CA CYS B 113 5.83 6.58 -29.71
C CYS B 113 6.12 8.01 -30.17
N ALA B 114 5.56 8.38 -31.32
CA ALA B 114 5.69 9.75 -31.82
C ALA B 114 5.07 10.73 -30.83
N LEU B 115 3.90 10.38 -30.31
CA LEU B 115 3.23 11.22 -29.32
C LEU B 115 4.04 11.33 -28.03
N GLU B 116 4.70 10.24 -27.63
CA GLU B 116 5.53 10.28 -26.44
C GLU B 116 6.71 11.26 -26.60
N VAL B 117 7.36 11.25 -27.75
CA VAL B 117 8.44 12.21 -27.97
C VAL B 117 7.94 13.66 -27.83
N VAL B 118 6.80 13.96 -28.48
CA VAL B 118 6.18 15.28 -28.37
C VAL B 118 5.84 15.64 -26.91
N MET B 119 5.13 14.77 -26.20
CA MET B 119 4.72 15.10 -24.82
C MET B 119 5.94 15.35 -23.95
N ALA B 120 6.97 14.54 -24.15
CA ALA B 120 8.15 14.59 -23.29
C ALA B 120 8.91 15.88 -23.53
N THR B 121 8.97 16.30 -24.80
CA THR B 121 9.69 17.50 -25.18
C THR B 121 9.06 18.72 -24.49
N TYR B 122 7.75 18.68 -24.31
CA TYR B 122 7.03 19.76 -23.62
C TYR B 122 6.93 19.50 -22.12
N SER B 123 7.76 18.59 -21.63
CA SER B 123 7.85 18.23 -20.21
C SER B 123 6.59 17.51 -19.72
N ASP B 135 0.83 15.46 -14.84
CA ASP B 135 1.92 14.89 -15.63
C ASP B 135 1.44 13.83 -16.64
N LEU B 136 1.85 14.01 -17.88
CA LEU B 136 1.36 13.16 -18.97
C LEU B 136 2.49 12.25 -19.48
N SER B 137 3.47 12.01 -18.64
CA SER B 137 4.63 11.24 -19.05
C SER B 137 4.25 9.78 -19.09
N PHE B 138 5.10 9.01 -19.76
CA PHE B 138 4.94 7.60 -19.88
C PHE B 138 4.64 7.03 -18.49
N PRO B 139 3.66 6.14 -18.40
CA PRO B 139 2.94 5.46 -19.48
C PRO B 139 1.57 6.05 -19.80
N TRP B 140 1.34 7.31 -19.47
CA TRP B 140 0.04 7.93 -19.76
C TRP B 140 -0.48 7.60 -21.17
N ILE B 141 0.40 7.72 -22.16
CA ILE B 141 -0.03 7.55 -23.55
C ILE B 141 -0.58 6.15 -23.84
N LEU B 142 -0.07 5.15 -23.13
CA LEU B 142 -0.49 3.76 -23.33
C LEU B 142 -1.90 3.59 -22.83
N ASN B 143 -2.23 4.32 -21.76
CA ASN B 143 -3.58 4.26 -21.22
C ASN B 143 -4.54 5.00 -22.14
N VAL B 144 -4.08 6.12 -22.69
CA VAL B 144 -4.90 6.87 -23.63
C VAL B 144 -5.25 6.03 -24.85
N LEU B 145 -4.27 5.32 -25.40
CA LEU B 145 -4.51 4.52 -26.59
C LEU B 145 -4.89 3.07 -26.30
N ASN B 146 -5.07 2.71 -25.03
CA ASN B 146 -5.33 1.31 -24.67
C ASN B 146 -4.37 0.34 -25.39
N LEU B 147 -3.08 0.67 -25.35
CA LEU B 147 -2.05 -0.11 -26.07
C LEU B 147 -1.14 -0.81 -25.04
N LYS B 148 -0.87 -2.10 -25.24
CA LYS B 148 -0.12 -2.85 -24.24
C LYS B 148 1.33 -2.43 -24.30
N ALA B 149 1.96 -2.35 -23.13
CA ALA B 149 3.37 -1.96 -23.01
C ALA B 149 4.28 -2.84 -23.84
N PHE B 150 4.03 -4.14 -23.83
CA PHE B 150 4.90 -5.06 -24.58
C PHE B 150 4.78 -4.79 -26.06
N ASP B 151 3.58 -4.41 -26.51
CA ASP B 151 3.41 -4.09 -27.93
C ASP B 151 4.14 -2.79 -28.29
N PHE B 152 4.02 -1.79 -27.43
CA PHE B 152 4.71 -0.51 -27.63
C PHE B 152 6.24 -0.68 -27.69
N TYR B 153 6.75 -1.54 -26.80
CA TYR B 153 8.18 -1.81 -26.73
C TYR B 153 8.77 -2.20 -28.09
N LYS B 154 7.99 -2.92 -28.89
CA LYS B 154 8.52 -3.49 -30.14
C LYS B 154 8.97 -2.43 -31.15
N VAL B 155 8.40 -1.23 -31.05
CA VAL B 155 8.66 -0.18 -32.03
C VAL B 155 9.86 0.69 -31.66
N ILE B 156 10.27 0.65 -30.40
CA ILE B 156 11.15 1.71 -29.90
C ILE B 156 12.51 1.83 -30.56
N GLU B 157 13.26 0.73 -30.67
CA GLU B 157 14.60 0.81 -31.28
C GLU B 157 14.56 1.20 -32.77
N SER B 158 13.60 0.66 -33.51
CA SER B 158 13.47 1.00 -34.92
C SER B 158 13.08 2.46 -35.07
N PHE B 159 12.23 2.94 -34.18
CA PHE B 159 11.83 4.35 -34.19
C PHE B 159 13.06 5.23 -34.08
N ILE B 160 13.89 4.95 -33.10
CA ILE B 160 15.10 5.75 -32.83
C ILE B 160 16.04 5.72 -34.04
N LYS B 161 16.18 4.54 -34.63
CA LYS B 161 17.03 4.36 -35.80
C LYS B 161 16.48 5.15 -37.00
N ALA B 162 15.16 5.17 -37.16
CA ALA B 162 14.54 5.81 -38.33
C ALA B 162 14.45 7.32 -38.22
N GLU B 163 14.64 7.85 -37.01
CA GLU B 163 14.59 9.31 -36.81
C GLU B 163 15.96 9.81 -36.33
N GLY B 164 16.81 10.18 -37.29
CA GLY B 164 18.17 10.60 -36.98
C GLY B 164 18.28 11.97 -36.33
N ASN B 165 17.18 12.70 -36.25
CA ASN B 165 17.20 14.03 -35.63
C ASN B 165 16.75 14.05 -34.17
N LEU B 166 16.58 12.89 -33.53
CA LEU B 166 16.21 12.86 -32.12
C LEU B 166 17.39 13.40 -31.29
N THR B 167 17.10 14.21 -30.27
CA THR B 167 18.15 14.71 -29.39
C THR B 167 18.65 13.65 -28.42
N ARG B 168 19.79 13.93 -27.79
CA ARG B 168 20.34 13.05 -26.78
C ARG B 168 19.31 12.77 -25.69
N GLU B 169 18.65 13.81 -25.21
CA GLU B 169 17.67 13.69 -24.13
C GLU B 169 16.40 12.92 -24.55
N MET B 170 16.05 13.01 -25.83
CA MET B 170 14.88 12.29 -26.31
C MET B 170 15.20 10.81 -26.47
N ILE B 171 16.39 10.51 -26.99
CA ILE B 171 16.83 9.11 -27.07
C ILE B 171 16.90 8.51 -25.68
N LYS B 172 17.47 9.26 -24.75
CA LYS B 172 17.55 8.82 -23.37
C LYS B 172 16.16 8.59 -22.78
N HIS B 173 15.20 9.45 -23.12
CA HIS B 173 13.85 9.27 -22.61
C HIS B 173 13.17 8.03 -23.20
N LEU B 174 13.30 7.83 -24.52
CA LEU B 174 12.73 6.62 -25.13
C LEU B 174 13.40 5.36 -24.60
N GLU B 175 14.71 5.43 -24.33
CA GLU B 175 15.39 4.26 -23.76
C GLU B 175 14.90 3.97 -22.36
N ARG B 176 14.59 5.03 -21.63
CA ARG B 176 14.07 4.86 -20.29
C ARG B 176 12.67 4.24 -20.33
N CYS B 177 11.83 4.64 -21.28
CA CYS B 177 10.50 4.01 -21.41
C CYS B 177 10.69 2.54 -21.69
N GLU B 178 11.60 2.25 -22.61
CA GLU B 178 11.92 0.88 -22.98
C GLU B 178 12.30 0.07 -21.75
N HIS B 179 13.16 0.64 -20.89
CA HIS B 179 13.65 -0.10 -19.72
C HIS B 179 12.58 -0.24 -18.64
N ARG B 180 11.68 0.73 -18.53
CA ARG B 180 10.59 0.57 -17.55
C ARG B 180 9.65 -0.53 -18.01
N ILE B 181 9.45 -0.64 -19.31
CA ILE B 181 8.63 -1.72 -19.85
C ILE B 181 9.27 -3.08 -19.56
N MET B 182 10.58 -3.18 -19.79
CA MET B 182 11.31 -4.42 -19.52
C MET B 182 11.35 -4.77 -18.04
N GLU B 183 11.34 -3.75 -17.19
CA GLU B 183 11.48 -4.02 -15.76
C GLU B 183 10.16 -4.34 -15.06
N SER B 184 9.04 -3.89 -15.61
CA SER B 184 7.74 -4.09 -14.95
C SER B 184 6.52 -4.11 -15.87
N PHE B 185 6.34 -3.07 -16.69
CA PHE B 185 5.08 -2.98 -17.47
C PHE B 185 4.81 -4.19 -18.36
N ALA B 186 5.85 -4.78 -18.93
CA ALA B 186 5.63 -5.93 -19.82
C ALA B 186 5.20 -7.16 -19.01
N TRP B 187 5.38 -7.09 -17.71
CA TRP B 187 5.13 -8.26 -16.87
C TRP B 187 3.83 -8.13 -16.09
N LEU B 188 3.04 -7.11 -16.39
CA LEU B 188 1.73 -6.95 -15.74
C LEU B 188 0.83 -8.11 -16.13
N SER B 189 -0.08 -8.49 -15.25
CA SER B 189 -1.08 -9.49 -15.61
C SER B 189 -1.79 -9.06 -16.88
N ASP B 190 -2.03 -10.04 -17.74
CA ASP B 190 -2.69 -9.84 -19.03
C ASP B 190 -1.79 -9.24 -20.09
N SER B 191 -0.50 -9.12 -19.80
CA SER B 191 0.43 -8.75 -20.87
C SER B 191 0.52 -9.86 -21.90
N PRO B 192 0.51 -9.50 -23.19
CA PRO B 192 0.74 -10.56 -24.19
C PRO B 192 2.12 -11.20 -24.09
N LEU B 193 3.02 -10.67 -23.28
CA LEU B 193 4.28 -11.34 -23.08
C LEU B 193 4.04 -12.76 -22.59
N PHE B 194 3.09 -12.95 -21.68
CA PHE B 194 2.90 -14.29 -21.11
C PHE B 194 2.36 -15.32 -22.09
N ASP B 195 1.49 -14.90 -23.02
CA ASP B 195 1.02 -15.83 -24.05
C ASP B 195 2.20 -16.24 -24.91
N LEU B 196 3.10 -15.30 -25.16
CA LEU B 196 4.21 -15.55 -26.03
C LEU B 196 5.18 -16.54 -25.37
N ILE B 197 5.47 -16.33 -24.08
CA ILE B 197 6.33 -17.25 -23.34
C ILE B 197 5.69 -18.64 -23.28
N LYS B 198 4.39 -18.69 -23.00
CA LYS B 198 3.74 -20.01 -22.89
C LYS B 198 3.78 -20.78 -24.23
N GLN B 199 3.46 -20.08 -25.31
CA GLN B 199 3.48 -20.69 -26.62
C GLN B 199 4.86 -21.26 -26.96
N SER B 200 5.91 -20.52 -26.57
CA SER B 200 7.28 -20.90 -26.82
C SER B 200 7.68 -22.16 -26.05
N LYS B 201 7.39 -22.18 -24.76
CA LYS B 201 7.64 -23.38 -23.94
C LYS B 201 6.89 -24.59 -24.49
N ASP B 202 5.61 -24.38 -24.84
CA ASP B 202 4.75 -25.48 -25.27
C ASP B 202 5.18 -26.11 -26.60
N ARG B 203 5.74 -25.29 -27.49
CA ARG B 203 6.13 -25.76 -28.82
C ARG B 203 7.60 -26.20 -28.92
N GLU B 204 8.33 -26.12 -27.82
CA GLU B 204 9.72 -26.54 -27.81
C GLU B 204 9.82 -28.04 -27.54
N GLY B 205 10.43 -28.77 -28.48
CA GLY B 205 10.67 -30.20 -28.27
C GLY B 205 12.14 -30.51 -28.13
N PRO B 206 12.46 -31.76 -27.75
CA PRO B 206 13.84 -32.22 -27.51
C PRO B 206 14.75 -31.98 -28.71
N THR B 207 14.25 -32.30 -29.90
CA THR B 207 15.03 -32.07 -31.12
C THR B 207 15.42 -30.59 -31.27
N ASP B 208 14.45 -29.70 -31.08
CA ASP B 208 14.69 -28.27 -31.26
C ASP B 208 15.78 -27.80 -30.32
N HIS B 209 15.68 -28.19 -29.06
CA HIS B 209 16.65 -27.77 -28.06
C HIS B 209 18.05 -28.33 -28.34
N LEU B 210 18.13 -29.60 -28.73
CA LEU B 210 19.42 -30.28 -28.81
C LEU B 210 20.13 -30.20 -30.14
N GLU B 211 19.42 -29.85 -31.20
CA GLU B 211 20.01 -29.95 -32.53
C GLU B 211 21.02 -28.87 -32.79
N SER B 212 22.02 -29.18 -33.63
CA SER B 212 22.95 -28.15 -34.08
C SER B 212 22.39 -27.53 -35.35
N ALA B 213 22.23 -26.21 -35.35
CA ALA B 213 21.70 -25.56 -36.53
C ALA B 213 22.78 -24.70 -37.19
N HIS B 224 15.29 -8.33 -37.02
CA HIS B 224 15.55 -7.73 -35.72
C HIS B 224 14.91 -6.38 -35.61
N THR B 225 14.05 -6.05 -36.57
CA THR B 225 13.37 -4.75 -36.58
C THR B 225 11.95 -4.79 -36.05
N ALA B 226 11.39 -3.60 -35.85
CA ALA B 226 10.00 -3.47 -35.47
C ALA B 226 9.08 -4.16 -36.48
N ALA B 227 9.36 -4.00 -37.79
CA ALA B 227 8.56 -4.72 -38.79
C ALA B 227 8.56 -6.25 -38.59
N ASP B 228 9.74 -6.83 -38.41
CA ASP B 228 9.85 -8.28 -38.16
C ASP B 228 8.99 -8.73 -36.98
N MET B 229 9.01 -7.92 -35.92
CA MET B 229 8.30 -8.22 -34.70
C MET B 229 6.78 -8.11 -34.88
N TYR B 230 6.32 -7.02 -35.50
CA TYR B 230 4.88 -6.89 -35.74
C TYR B 230 4.34 -7.92 -36.74
N LEU B 231 5.19 -8.45 -37.62
CA LEU B 231 4.77 -9.37 -38.69
C LEU B 231 4.79 -10.83 -38.25
N GLU B 232 5.40 -11.09 -37.11
CA GLU B 232 5.51 -12.42 -36.56
C GLU B 232 4.12 -13.02 -36.33
N PRO B 233 3.89 -14.24 -36.83
CA PRO B 233 2.62 -14.96 -36.62
C PRO B 233 2.37 -15.25 -35.14
N LYS B 267 11.58 -19.78 -32.06
CA LYS B 267 11.02 -19.21 -33.27
C LYS B 267 10.67 -17.73 -33.13
N SER B 268 9.98 -17.36 -32.04
CA SER B 268 9.54 -15.99 -31.82
C SER B 268 10.71 -15.01 -31.75
N THR B 269 10.80 -14.11 -32.71
CA THR B 269 11.89 -13.14 -32.75
C THR B 269 11.69 -12.15 -31.63
N SER B 270 10.44 -11.75 -31.46
CA SER B 270 10.07 -10.79 -30.43
C SER B 270 10.46 -11.29 -29.06
N LEU B 271 10.14 -12.56 -28.77
CA LEU B 271 10.40 -13.10 -27.45
C LEU B 271 11.90 -13.18 -27.19
N SER B 272 12.63 -13.70 -28.17
CA SER B 272 14.06 -13.91 -28.01
C SER B 272 14.78 -12.57 -27.85
N LEU B 273 14.45 -11.60 -28.70
CA LEU B 273 15.05 -10.26 -28.62
C LEU B 273 14.73 -9.55 -27.30
N PHE B 274 13.48 -9.67 -26.85
CA PHE B 274 13.07 -9.06 -25.58
C PHE B 274 13.87 -9.63 -24.44
N TYR B 275 13.95 -10.96 -24.37
CA TYR B 275 14.67 -11.62 -23.29
C TYR B 275 16.16 -11.28 -23.29
N LYS B 276 16.76 -11.26 -24.46
CA LYS B 276 18.17 -10.86 -24.57
C LYS B 276 18.40 -9.44 -23.99
N LYS B 277 17.52 -8.50 -24.32
CA LYS B 277 17.66 -7.15 -23.79
C LYS B 277 17.37 -7.07 -22.29
N VAL B 278 16.38 -7.83 -21.83
CA VAL B 278 16.07 -7.89 -20.40
C VAL B 278 17.28 -8.41 -19.62
N TYR B 279 17.86 -9.49 -20.11
CA TYR B 279 19.05 -10.08 -19.48
C TYR B 279 20.20 -9.08 -19.42
N ARG B 280 20.45 -8.40 -20.53
CA ARG B 280 21.51 -7.38 -20.54
C ARG B 280 21.23 -6.28 -19.51
N LEU B 281 20.01 -5.76 -19.50
CA LEU B 281 19.61 -4.77 -18.50
C LEU B 281 19.71 -5.28 -17.05
N ALA B 282 19.21 -6.48 -16.80
CA ALA B 282 19.24 -7.05 -15.45
C ALA B 282 20.69 -7.27 -14.99
N TYR B 283 21.53 -7.75 -15.91
CA TYR B 283 22.90 -8.05 -15.56
C TYR B 283 23.67 -6.76 -15.22
N LEU B 284 23.48 -5.74 -16.04
CA LEU B 284 24.16 -4.46 -15.80
C LEU B 284 23.78 -3.86 -14.44
N ARG B 285 22.52 -3.97 -14.05
CA ARG B 285 22.11 -3.46 -12.74
C ARG B 285 22.69 -4.29 -11.60
N LEU B 286 22.65 -5.61 -11.75
CA LEU B 286 23.28 -6.50 -10.77
C LEU B 286 24.74 -6.14 -10.63
N ASN B 287 25.39 -5.93 -11.77
CA ASN B 287 26.81 -5.56 -11.75
C ASN B 287 27.08 -4.31 -10.93
N THR B 288 26.26 -3.28 -11.06
CA THR B 288 26.42 -2.07 -10.24
C THR B 288 26.29 -2.40 -8.75
N LEU B 289 25.26 -3.17 -8.40
CA LEU B 289 25.08 -3.52 -6.99
C LEU B 289 26.21 -4.37 -6.43
N CYS B 290 26.71 -5.34 -7.21
CA CYS B 290 27.81 -6.19 -6.74
C CYS B 290 29.09 -5.39 -6.56
N GLU B 291 29.34 -4.48 -7.49
CA GLU B 291 30.54 -3.63 -7.36
C GLU B 291 30.50 -2.78 -6.10
N ARG B 292 29.29 -2.40 -5.72
CA ARG B 292 29.08 -1.58 -4.52
C ARG B 292 29.11 -2.41 -3.22
N LEU B 293 28.56 -3.62 -3.25
CA LEU B 293 28.31 -4.36 -2.00
C LEU B 293 29.20 -5.58 -1.83
N LEU B 294 29.76 -6.08 -2.93
CA LEU B 294 30.45 -7.37 -2.86
C LEU B 294 31.78 -7.35 -3.61
N SER B 295 32.40 -6.18 -3.72
CA SER B 295 33.66 -6.04 -4.48
C SER B 295 34.76 -6.99 -4.01
N GLU B 296 34.76 -7.31 -2.72
CA GLU B 296 35.78 -8.19 -2.17
C GLU B 296 35.43 -9.68 -2.26
N HIS B 297 34.32 -10.00 -2.94
CA HIS B 297 34.01 -11.40 -3.28
C HIS B 297 33.62 -11.42 -4.75
N PRO B 298 34.59 -11.18 -5.66
CA PRO B 298 34.17 -10.96 -7.05
C PRO B 298 33.52 -12.16 -7.71
N GLU B 299 33.69 -13.36 -7.15
CA GLU B 299 33.12 -14.55 -7.79
C GLU B 299 31.60 -14.63 -7.62
N LEU B 300 31.09 -13.86 -6.65
CA LEU B 300 29.67 -13.96 -6.30
C LEU B 300 28.75 -13.45 -7.39
N GLU B 301 29.20 -12.44 -8.13
CA GLU B 301 28.39 -11.82 -9.15
C GLU B 301 27.89 -12.84 -10.19
N HIS B 302 28.80 -13.68 -10.68
CA HIS B 302 28.40 -14.64 -11.72
C HIS B 302 27.44 -15.71 -11.18
N ILE B 303 27.58 -16.04 -9.90
CA ILE B 303 26.74 -17.02 -9.25
C ILE B 303 25.35 -16.44 -9.01
N ILE B 304 25.28 -15.20 -8.51
CA ILE B 304 24.01 -14.53 -8.37
C ILE B 304 23.35 -14.37 -9.74
N TRP B 305 24.13 -14.00 -10.75
CA TRP B 305 23.58 -13.83 -12.10
C TRP B 305 22.91 -15.14 -12.58
N THR B 306 23.49 -16.27 -12.25
CA THR B 306 22.96 -17.55 -12.65
C THR B 306 21.57 -17.80 -12.06
N LEU B 307 21.44 -17.54 -10.78
CA LEU B 307 20.16 -17.61 -10.11
C LEU B 307 19.11 -16.63 -10.67
N PHE B 308 19.51 -15.39 -10.79
CA PHE B 308 18.75 -14.38 -11.40
C PHE B 308 18.28 -14.86 -12.77
N GLN B 309 19.20 -15.24 -13.62
CA GLN B 309 18.86 -15.62 -15.00
C GLN B 309 17.96 -16.86 -15.07
N HIS B 310 18.26 -17.89 -14.27
CA HIS B 310 17.45 -19.12 -14.26
C HIS B 310 16.03 -18.80 -13.84
N THR B 311 15.92 -17.84 -12.93
CA THR B 311 14.63 -17.48 -12.38
C THR B 311 13.80 -16.77 -13.42
N LEU B 312 14.43 -15.90 -14.20
CA LEU B 312 13.72 -15.19 -15.27
C LEU B 312 13.31 -16.12 -16.39
N GLN B 313 14.16 -17.09 -16.65
CA GLN B 313 13.89 -18.02 -17.74
C GLN B 313 12.86 -19.12 -17.35
N ASN B 314 12.98 -19.65 -16.13
CA ASN B 314 12.24 -20.85 -15.78
C ASN B 314 11.17 -20.65 -14.72
N GLU B 315 11.27 -19.54 -13.99
CA GLU B 315 10.30 -19.26 -12.95
C GLU B 315 9.72 -17.87 -13.17
N TYR B 316 9.43 -17.55 -14.43
CA TYR B 316 9.02 -16.19 -14.82
C TYR B 316 7.71 -15.77 -14.21
N GLU B 317 6.97 -16.73 -13.65
CA GLU B 317 5.72 -16.40 -13.00
C GLU B 317 5.95 -15.50 -11.78
N LEU B 318 7.16 -15.57 -11.20
CA LEU B 318 7.54 -14.68 -10.11
C LEU B 318 7.55 -13.21 -10.53
N MET B 319 7.69 -12.97 -11.84
CA MET B 319 7.74 -11.57 -12.34
C MET B 319 6.35 -10.99 -12.56
N ARG B 320 5.33 -11.83 -12.58
CA ARG B 320 3.99 -11.35 -12.90
C ARG B 320 3.52 -10.28 -11.89
N ASP B 321 3.20 -9.09 -12.38
CA ASP B 321 2.83 -7.97 -11.50
C ASP B 321 3.95 -7.54 -10.56
N ARG B 322 5.18 -7.93 -10.90
CA ARG B 322 6.31 -7.56 -10.05
C ARG B 322 7.38 -6.83 -10.86
N HIS B 323 8.53 -6.59 -10.25
CA HIS B 323 9.56 -5.72 -10.80
C HIS B 323 10.86 -6.49 -10.86
N LEU B 324 11.53 -6.41 -12.01
CA LEU B 324 12.84 -7.00 -12.26
C LEU B 324 13.83 -6.82 -11.08
N ASP B 325 13.83 -5.63 -10.49
CA ASP B 325 14.79 -5.36 -9.42
C ASP B 325 14.47 -6.07 -8.12
N GLN B 326 13.22 -6.44 -7.92
CA GLN B 326 12.88 -7.23 -6.73
C GLN B 326 13.48 -8.63 -6.84
N ILE B 327 13.42 -9.19 -8.03
CA ILE B 327 14.00 -10.50 -8.28
C ILE B 327 15.53 -10.41 -8.13
N MET B 328 16.11 -9.34 -8.68
CA MET B 328 17.55 -9.10 -8.55
C MET B 328 18.00 -9.09 -7.10
N MET B 329 17.31 -8.31 -6.27
CA MET B 329 17.70 -8.18 -4.86
C MET B 329 17.54 -9.48 -4.07
N CYS B 330 16.47 -10.23 -4.34
CA CYS B 330 16.30 -11.51 -3.66
C CYS B 330 17.31 -12.55 -4.16
N SER B 331 17.69 -12.49 -5.45
CA SER B 331 18.76 -13.37 -5.97
C SER B 331 20.08 -13.08 -5.27
N MET B 332 20.40 -11.80 -5.09
CA MET B 332 21.62 -11.44 -4.39
C MET B 332 21.59 -11.95 -2.95
N TYR B 333 20.48 -11.70 -2.24
CA TYR B 333 20.38 -12.08 -0.84
C TYR B 333 20.46 -13.60 -0.66
N GLY B 334 19.76 -14.34 -1.53
CA GLY B 334 19.67 -15.79 -1.39
C GLY B 334 21.03 -16.44 -1.58
N ILE B 335 21.78 -16.00 -2.59
CA ILE B 335 23.10 -16.54 -2.83
C ILE B 335 24.03 -16.21 -1.65
N CYS B 336 23.99 -14.97 -1.18
CA CYS B 336 24.88 -14.58 -0.09
C CYS B 336 24.55 -15.39 1.17
N LYS B 337 23.26 -15.64 1.36
CA LYS B 337 22.82 -16.49 2.47
C LYS B 337 23.37 -17.91 2.36
N VAL B 338 23.19 -18.55 1.20
CA VAL B 338 23.63 -19.93 1.04
C VAL B 338 25.17 -20.04 1.06
N LYS B 339 25.86 -18.93 0.78
CA LYS B 339 27.31 -18.90 0.80
C LYS B 339 27.86 -18.38 2.14
N ASN B 340 26.98 -18.18 3.10
CA ASN B 340 27.38 -17.76 4.44
C ASN B 340 28.16 -16.45 4.48
N ILE B 341 27.76 -15.53 3.59
CA ILE B 341 28.31 -14.19 3.54
C ILE B 341 27.26 -13.26 4.13
N ASP B 342 27.67 -12.37 5.03
CA ASP B 342 26.69 -11.49 5.68
C ASP B 342 26.30 -10.35 4.76
N LEU B 343 25.07 -10.37 4.26
CA LEU B 343 24.58 -9.28 3.44
C LEU B 343 23.11 -9.08 3.76
N LYS B 344 22.82 -8.15 4.68
CA LYS B 344 21.44 -7.99 5.10
C LYS B 344 20.63 -7.20 4.10
N PHE B 345 19.33 -7.46 4.05
CA PHE B 345 18.45 -6.71 3.17
C PHE B 345 18.54 -5.20 3.33
N LYS B 346 18.76 -4.70 4.55
CA LYS B 346 18.83 -3.25 4.75
C LYS B 346 20.00 -2.68 3.99
N ILE B 347 21.13 -3.39 4.03
CA ILE B 347 22.30 -2.99 3.25
C ILE B 347 22.01 -2.98 1.77
N ILE B 348 21.35 -4.04 1.30
CA ILE B 348 21.07 -4.17 -0.12
C ILE B 348 20.17 -3.03 -0.60
N VAL B 349 19.11 -2.82 0.16
CA VAL B 349 18.10 -1.84 -0.19
C VAL B 349 18.66 -0.41 -0.10
N THR B 350 19.57 -0.20 0.85
CA THR B 350 20.21 1.11 0.99
C THR B 350 21.08 1.40 -0.22
N ALA B 351 21.77 0.38 -0.72
CA ALA B 351 22.56 0.51 -1.94
C ALA B 351 21.65 0.72 -3.13
N TYR B 352 20.57 -0.05 -3.18
CA TYR B 352 19.61 0.05 -4.27
C TYR B 352 19.08 1.46 -4.49
N LYS B 353 18.82 2.17 -3.39
CA LYS B 353 18.32 3.55 -3.46
C LYS B 353 19.16 4.50 -4.31
N ASP B 354 20.45 4.21 -4.44
CA ASP B 354 21.36 5.07 -5.20
C ASP B 354 21.37 4.79 -6.70
N LEU B 355 20.80 3.67 -7.12
CA LEU B 355 20.67 3.44 -8.55
C LEU B 355 19.80 4.58 -9.11
N PRO B 356 20.12 5.01 -10.33
CA PRO B 356 19.34 6.08 -10.97
C PRO B 356 17.89 5.65 -11.08
N HIS B 357 16.98 6.59 -10.86
CA HIS B 357 15.54 6.38 -10.97
C HIS B 357 14.96 5.39 -9.95
N ALA B 358 15.81 4.79 -9.12
CA ALA B 358 15.34 3.84 -8.11
C ALA B 358 14.41 4.55 -7.14
N VAL B 359 13.33 3.87 -6.75
CA VAL B 359 12.43 4.43 -5.75
C VAL B 359 12.19 3.41 -4.66
N GLN B 360 11.94 3.91 -3.45
CA GLN B 360 11.82 3.01 -2.31
C GLN B 360 10.61 2.10 -2.40
N GLU B 361 9.59 2.48 -3.18
CA GLU B 361 8.38 1.67 -3.27
C GLU B 361 8.71 0.28 -3.82
N THR B 362 9.73 0.22 -4.68
CA THR B 362 10.17 -1.06 -5.25
C THR B 362 10.55 -2.13 -4.22
N PHE B 363 11.07 -1.73 -3.06
CA PHE B 363 11.37 -2.74 -2.02
C PHE B 363 10.49 -2.58 -0.78
N LYS B 364 9.70 -1.51 -0.72
CA LYS B 364 8.75 -1.32 0.38
C LYS B 364 7.38 -1.90 0.05
N ARG B 365 7.06 -2.00 -1.22
CA ARG B 365 5.74 -2.47 -1.60
C ARG B 365 5.82 -3.53 -2.70
N VAL B 366 5.84 -4.78 -2.29
CA VAL B 366 6.08 -5.90 -3.18
C VAL B 366 4.88 -6.81 -3.08
N LEU B 367 4.37 -7.23 -4.23
CA LEU B 367 3.22 -8.12 -4.25
C LEU B 367 3.54 -9.47 -3.61
N ILE B 368 2.70 -9.89 -2.67
CA ILE B 368 2.87 -11.19 -2.01
C ILE B 368 1.94 -12.20 -2.68
N LYS B 369 0.64 -12.10 -2.38
CA LYS B 369 -0.42 -12.85 -3.06
C LYS B 369 -1.62 -11.92 -3.17
N GLU B 370 -2.51 -12.21 -4.12
CA GLU B 370 -3.73 -11.42 -4.34
C GLU B 370 -3.44 -9.94 -4.59
N GLU B 371 -4.06 -9.08 -3.80
CA GLU B 371 -3.76 -7.66 -3.88
C GLU B 371 -3.02 -7.24 -2.63
N GLU B 372 -2.38 -8.19 -1.96
CA GLU B 372 -1.65 -7.91 -0.73
C GLU B 372 -0.17 -7.67 -0.96
N TYR B 373 0.31 -6.55 -0.46
CA TYR B 373 1.68 -6.08 -0.62
C TYR B 373 2.39 -6.01 0.72
N ASP B 374 3.70 -6.19 0.71
CA ASP B 374 4.50 -6.10 1.93
C ASP B 374 5.96 -5.82 1.53
N SER B 375 6.87 -5.75 2.49
CA SER B 375 8.26 -5.44 2.17
C SER B 375 8.89 -6.57 1.36
N ILE B 376 10.05 -6.30 0.80
CA ILE B 376 10.75 -7.27 -0.03
C ILE B 376 11.20 -8.44 0.85
N ILE B 377 11.36 -8.18 2.14
CA ILE B 377 11.73 -9.24 3.07
C ILE B 377 10.63 -10.28 3.17
N VAL B 378 9.37 -9.83 3.27
CA VAL B 378 8.24 -10.74 3.33
C VAL B 378 8.10 -11.46 2.00
N PHE B 379 8.38 -10.75 0.91
CA PHE B 379 8.34 -11.40 -0.40
C PHE B 379 9.41 -12.48 -0.48
N TYR B 380 10.63 -12.15 -0.07
CA TYR B 380 11.71 -13.14 -0.07
C TYR B 380 11.35 -14.35 0.78
N ASN B 381 10.98 -14.14 2.05
CA ASN B 381 10.75 -15.30 2.92
C ASN B 381 9.56 -16.15 2.50
N SER B 382 8.46 -15.51 2.15
CA SER B 382 7.22 -16.27 1.95
C SER B 382 6.95 -16.74 0.51
N VAL B 383 7.54 -16.06 -0.48
CA VAL B 383 7.33 -16.40 -1.91
C VAL B 383 8.60 -16.86 -2.65
N PHE B 384 9.58 -15.97 -2.75
CA PHE B 384 10.78 -16.21 -3.56
C PHE B 384 11.54 -17.42 -3.04
N MET B 385 11.89 -17.34 -1.77
CA MET B 385 12.72 -18.38 -1.17
C MET B 385 11.97 -19.69 -1.10
N GLN B 386 10.66 -19.64 -0.88
CA GLN B 386 9.91 -20.90 -0.83
C GLN B 386 9.84 -21.57 -2.20
N ARG B 387 9.62 -20.77 -3.25
CA ARG B 387 9.56 -21.31 -4.60
C ARG B 387 10.94 -21.81 -5.05
N LEU B 388 11.99 -21.15 -4.62
CA LEU B 388 13.32 -21.40 -5.15
C LEU B 388 14.30 -22.06 -4.18
N LYS B 389 13.82 -22.50 -3.02
CA LYS B 389 14.76 -23.04 -2.01
C LYS B 389 15.64 -24.16 -2.53
N THR B 390 15.04 -25.09 -3.29
CA THR B 390 15.77 -26.21 -3.85
C THR B 390 16.87 -25.76 -4.82
N ASN B 391 16.55 -24.82 -5.71
CA ASN B 391 17.56 -24.23 -6.59
C ASN B 391 18.65 -23.49 -5.82
N ILE B 392 18.26 -22.70 -4.82
CA ILE B 392 19.28 -21.94 -4.07
C ILE B 392 20.25 -22.89 -3.38
N LEU B 393 19.74 -23.94 -2.77
CA LEU B 393 20.61 -24.87 -2.04
C LEU B 393 21.62 -25.58 -2.93
N GLN B 394 21.30 -25.74 -4.22
CA GLN B 394 22.22 -26.38 -5.14
C GLN B 394 23.58 -25.67 -5.23
N TYR B 395 23.60 -24.35 -5.08
CA TYR B 395 24.84 -23.60 -5.21
C TYR B 395 25.85 -23.92 -4.10
N ALA B 396 25.39 -24.50 -3.00
CA ALA B 396 26.28 -24.82 -1.90
C ALA B 396 26.53 -26.33 -1.83
N SER B 397 26.06 -27.08 -2.80
CA SER B 397 26.27 -28.52 -2.78
C SER B 397 27.54 -28.83 -3.58
N THR B 398 27.93 -30.10 -3.60
CA THR B 398 29.10 -30.54 -4.36
C THR B 398 28.74 -30.77 -5.81
N ARG B 399 27.49 -30.47 -6.13
CA ARG B 399 27.04 -30.58 -7.49
C ARG B 399 26.36 -29.27 -7.91
N PRO B 400 27.13 -28.18 -7.96
CA PRO B 400 26.44 -26.92 -8.20
C PRO B 400 26.14 -26.68 -9.68
N PRO B 401 25.20 -25.77 -9.97
CA PRO B 401 24.80 -25.49 -11.35
C PRO B 401 25.95 -24.96 -12.18
N THR B 402 25.86 -25.20 -13.47
CA THR B 402 26.70 -24.56 -14.46
C THR B 402 26.31 -23.08 -14.49
N LEU B 403 27.30 -22.20 -14.48
CA LEU B 403 27.03 -20.76 -14.42
C LEU B 403 26.56 -20.25 -15.77
N ALA B 404 25.66 -19.26 -15.73
CA ALA B 404 24.97 -18.78 -16.92
C ALA B 404 25.84 -17.83 -17.74
N PRO B 405 25.70 -17.86 -19.07
CA PRO B 405 26.42 -16.95 -19.96
C PRO B 405 26.19 -15.48 -19.54
N ILE B 406 27.25 -14.69 -19.52
CA ILE B 406 27.12 -13.25 -19.26
C ILE B 406 26.56 -12.60 -20.53
N PRO B 407 25.55 -11.72 -20.41
CA PRO B 407 25.01 -11.10 -21.62
C PRO B 407 26.11 -10.37 -22.41
N HIS B 408 26.09 -10.52 -23.72
CA HIS B 408 27.08 -9.86 -24.56
C HIS B 408 26.83 -8.36 -24.63
N ILE B 409 27.91 -7.62 -24.83
CA ILE B 409 27.79 -6.22 -25.18
C ILE B 409 27.27 -6.09 -26.60
N PRO B 410 26.11 -5.41 -26.77
CA PRO B 410 25.56 -5.15 -28.09
C PRO B 410 26.28 -3.97 -28.74
#